data_3UOV
#
_entry.id   3UOV
#
_cell.length_a   59.007
_cell.length_b   139.983
_cell.length_c   67.569
_cell.angle_alpha   90.000
_cell.angle_beta   98.380
_cell.angle_gamma   90.000
#
_symmetry.space_group_name_H-M   'P 1 21 1'
#
loop_
_entity.id
_entity.type
_entity.pdbx_description
1 polymer OTEMO
2 non-polymer 'FLAVIN-ADENINE DINUCLEOTIDE'
3 water water
#
_entity_poly.entity_id   1
_entity_poly.type   'polypeptide(L)'
_entity_poly.pdbx_seq_one_letter_code
;MSNRAKSPALDAVVIGAGVTGIYQAFLINQAGMKVLGIEAGEDVGGTWYWNRYPGCRLDTESYAYGYFALKGIIPEWEWS
ENFASQPEMLRYVNRAADAMDVRKHYRFNTRVTAARYVENDRLWEVTLDNEEVVTCRFLISATGPLSASRMPDIKGIDSF
KGESFHSSRWPTDAEGAPKGVDFTGKRVGVIGTGATGVQIIPIAAETAKELYVFQRTPNWCTPLGNSPMSKEKMDSLRNR
YPTILEYVKSTDTAFPYHRDPRKGTDVSESERDAFFEELYRQPGYGIWLSGFRDLLLNKESNKFLADFVAKKIRQRVKDP
VVAEKLIPKDHPFGAKRVPMETNYYETYNRDNVHLVDIREAPIQEVTPEGIKTADAAYDLDVIIYATGFDAVTGSLDRID
IRGKDNVRLIDAWAEGPSTYLGLQARGFPNFFTLVGPHNGSTFCNVGVCGGLQAEWVLRMISYMKDNGFTYSEPTQAAEN
RWTEEVYADFSRTLLAEANAWWVKTTTKPDGSVVRRTLVHVSGGPEYRKRCEQVAYNNYNGFELA
;
_entity_poly.pdbx_strand_id   A,B
#
loop_
_chem_comp.id
_chem_comp.type
_chem_comp.name
_chem_comp.formula
FAD non-polymer 'FLAVIN-ADENINE DINUCLEOTIDE' 'C27 H33 N9 O15 P2'
#
# COMPACT_ATOMS: atom_id res chain seq x y z
N LYS A 6 18.91 -28.98 -23.25
CA LYS A 6 17.51 -29.13 -23.75
C LYS A 6 16.60 -27.99 -23.26
N SER A 7 15.55 -27.70 -24.03
CA SER A 7 14.61 -26.65 -23.65
C SER A 7 13.34 -27.27 -23.09
N PRO A 8 12.75 -26.65 -22.04
CA PRO A 8 11.58 -27.23 -21.40
C PRO A 8 10.35 -27.09 -22.30
N ALA A 9 9.39 -27.99 -22.14
CA ALA A 9 8.17 -27.98 -22.96
C ALA A 9 7.25 -26.82 -22.59
N LEU A 10 7.29 -26.40 -21.32
CA LEU A 10 6.36 -25.44 -20.75
C LEU A 10 7.12 -24.28 -20.10
N ASP A 11 6.51 -23.11 -20.08
CA ASP A 11 7.06 -22.00 -19.31
C ASP A 11 6.91 -22.28 -17.83
N ALA A 12 5.75 -22.83 -17.44
CA ALA A 12 5.46 -23.14 -16.04
C ALA A 12 4.55 -24.32 -15.86
N VAL A 13 4.73 -25.03 -14.76
CA VAL A 13 3.75 -25.94 -14.22
C VAL A 13 3.24 -25.36 -12.90
N VAL A 14 1.92 -25.30 -12.76
CA VAL A 14 1.31 -24.90 -11.50
C VAL A 14 0.70 -26.16 -10.89
N ILE A 15 1.10 -26.48 -9.65
CA ILE A 15 0.55 -27.62 -8.94
C ILE A 15 -0.59 -27.17 -8.01
N GLY A 16 -1.82 -27.54 -8.37
CA GLY A 16 -2.99 -27.26 -7.57
C GLY A 16 -4.04 -26.46 -8.29
N ALA A 17 -5.30 -26.79 -8.04
CA ALA A 17 -6.42 -26.05 -8.63
C ALA A 17 -7.38 -25.51 -7.58
N GLY A 18 -6.84 -25.13 -6.41
CA GLY A 18 -7.60 -24.29 -5.47
C GLY A 18 -7.59 -22.87 -5.99
N VAL A 19 -8.11 -21.91 -5.20
CA VAL A 19 -8.19 -20.52 -5.71
C VAL A 19 -6.82 -19.95 -6.14
N THR A 20 -5.76 -20.31 -5.44
CA THR A 20 -4.45 -19.75 -5.73
C THR A 20 -3.93 -20.26 -7.09
N GLY A 21 -3.95 -21.59 -7.24
CA GLY A 21 -3.40 -22.24 -8.42
C GLY A 21 -4.07 -21.82 -9.72
N ILE A 22 -5.40 -21.83 -9.73
CA ILE A 22 -6.10 -21.51 -10.98
C ILE A 22 -5.93 -20.06 -11.37
N TYR A 23 -5.77 -19.17 -10.40
CA TYR A 23 -5.51 -17.76 -10.74
C TYR A 23 -4.10 -17.60 -11.31
N GLN A 24 -3.12 -18.26 -10.70
CA GLN A 24 -1.75 -18.25 -11.25
C GLN A 24 -1.72 -18.75 -12.69
N ALA A 25 -2.42 -19.85 -12.94
CA ALA A 25 -2.43 -20.47 -14.28
C ALA A 25 -3.11 -19.55 -15.29
N PHE A 26 -4.24 -18.98 -14.90
CA PHE A 26 -4.96 -17.98 -15.69
C PHE A 26 -4.08 -16.78 -16.10
N LEU A 27 -3.39 -16.20 -15.12
CA LEU A 27 -2.46 -15.08 -15.35
C LEU A 27 -1.33 -15.41 -16.31
N ILE A 28 -0.75 -16.60 -16.16
CA ILE A 28 0.37 -17.01 -17.01
C ILE A 28 -0.11 -17.23 -18.47
N ASN A 29 -1.20 -17.96 -18.64
CA ASN A 29 -1.76 -18.14 -19.99
C ASN A 29 -2.12 -16.79 -20.60
N GLN A 30 -2.68 -15.90 -19.78
CA GLN A 30 -3.09 -14.58 -20.23
C GLN A 30 -1.92 -13.74 -20.75
N ALA A 31 -0.76 -13.91 -20.14
CA ALA A 31 0.45 -13.23 -20.57
C ALA A 31 1.11 -13.92 -21.78
N GLY A 32 0.51 -14.98 -22.29
CA GLY A 32 0.94 -15.59 -23.55
C GLY A 32 2.01 -16.65 -23.36
N MET A 33 2.16 -17.13 -22.13
CA MET A 33 3.16 -18.16 -21.83
C MET A 33 2.51 -19.54 -21.73
N LYS A 34 3.31 -20.59 -21.84
CA LYS A 34 2.79 -21.95 -21.84
C LYS A 34 2.73 -22.55 -20.43
N VAL A 35 1.52 -22.68 -19.88
CA VAL A 35 1.30 -23.23 -18.54
C VAL A 35 0.52 -24.55 -18.55
N LEU A 36 0.96 -25.49 -17.72
CA LEU A 36 0.18 -26.67 -17.43
C LEU A 36 -0.13 -26.73 -15.92
N GLY A 37 -1.42 -26.72 -15.59
CA GLY A 37 -1.83 -27.03 -14.23
C GLY A 37 -1.98 -28.53 -14.00
N ILE A 38 -1.69 -28.95 -12.77
CA ILE A 38 -1.89 -30.33 -12.35
C ILE A 38 -2.71 -30.35 -11.07
N GLU A 39 -3.78 -31.13 -11.06
CA GLU A 39 -4.64 -31.25 -9.87
C GLU A 39 -4.97 -32.74 -9.58
N ALA A 40 -4.79 -33.15 -8.33
CA ALA A 40 -5.11 -34.51 -7.88
C ALA A 40 -6.61 -34.84 -7.96
N GLY A 41 -7.48 -33.88 -7.65
CA GLY A 41 -8.92 -34.08 -7.69
C GLY A 41 -9.51 -34.02 -9.10
N GLU A 42 -10.83 -34.20 -9.18
CA GLU A 42 -11.56 -34.25 -10.45
C GLU A 42 -11.79 -32.89 -11.09
N ASP A 43 -11.70 -31.81 -10.29
CA ASP A 43 -12.08 -30.48 -10.73
C ASP A 43 -11.51 -29.44 -9.76
N VAL A 44 -11.79 -28.16 -10.01
CA VAL A 44 -11.26 -27.04 -9.24
C VAL A 44 -11.88 -26.92 -7.86
N GLY A 45 -11.18 -26.28 -6.93
CA GLY A 45 -11.81 -25.87 -5.67
C GLY A 45 -10.86 -25.86 -4.50
N GLY A 46 -9.94 -26.82 -4.51
CA GLY A 46 -8.96 -26.95 -3.46
C GLY A 46 -9.73 -27.22 -2.19
N THR A 47 -9.52 -26.37 -1.19
CA THR A 47 -10.25 -26.38 0.08
C THR A 47 -11.74 -26.66 -0.14
N TRP A 48 -12.34 -25.98 -1.10
CA TRP A 48 -13.80 -25.99 -1.23
C TRP A 48 -14.29 -27.20 -2.03
N TYR A 49 -13.34 -27.94 -2.59
CA TYR A 49 -13.64 -29.23 -3.21
C TYR A 49 -13.43 -30.39 -2.23
N TRP A 50 -12.36 -30.33 -1.45
CA TRP A 50 -12.00 -31.47 -0.61
C TRP A 50 -12.74 -31.53 0.71
N ASN A 51 -13.08 -30.36 1.25
CA ASN A 51 -13.68 -30.28 2.60
C ASN A 51 -15.19 -30.21 2.58
N ARG A 52 -15.86 -31.28 3.01
CA ARG A 52 -17.31 -31.32 2.89
C ARG A 52 -18.03 -31.71 4.17
N TYR A 53 -17.38 -31.48 5.30
CA TYR A 53 -17.93 -31.88 6.59
C TYR A 53 -19.05 -30.90 6.98
N PRO A 54 -20.02 -31.34 7.82
CA PRO A 54 -21.13 -30.45 8.15
C PRO A 54 -20.70 -29.16 8.86
N GLY A 55 -21.22 -28.03 8.39
CA GLY A 55 -20.92 -26.73 8.96
C GLY A 55 -19.66 -26.05 8.45
N CYS A 56 -19.00 -26.65 7.46
CA CYS A 56 -17.82 -26.04 6.86
C CYS A 56 -18.20 -24.68 6.24
N ARG A 57 -17.47 -23.63 6.60
CA ARG A 57 -17.88 -22.25 6.31
C ARG A 57 -16.68 -21.28 6.39
N LEU A 58 -16.74 -20.18 5.66
CA LEU A 58 -15.71 -19.13 5.75
C LEU A 58 -15.66 -18.46 7.13
N ASP A 59 -14.46 -18.02 7.52
CA ASP A 59 -14.33 -17.04 8.60
C ASP A 59 -14.18 -15.60 8.04
N THR A 60 -13.99 -15.49 6.72
CA THR A 60 -13.83 -14.20 6.05
C THR A 60 -15.14 -13.80 5.41
N GLU A 61 -15.53 -12.53 5.56
CA GLU A 61 -16.74 -12.04 4.88
C GLU A 61 -16.69 -12.50 3.43
N SER A 62 -17.78 -13.08 2.95
CA SER A 62 -17.83 -13.63 1.59
C SER A 62 -17.31 -12.61 0.59
N TYR A 63 -17.81 -11.38 0.68
CA TYR A 63 -17.43 -10.35 -0.28
C TYR A 63 -15.95 -10.03 -0.24
N ALA A 64 -15.32 -10.16 0.93
CA ALA A 64 -13.89 -9.88 1.08
C ALA A 64 -13.00 -11.03 0.57
N TYR A 65 -13.46 -12.26 0.78
CA TYR A 65 -12.74 -13.43 0.26
C TYR A 65 -12.83 -13.50 -1.28
N GLY A 66 -13.93 -13.00 -1.85
CA GLY A 66 -14.24 -13.14 -3.28
C GLY A 66 -13.45 -12.21 -4.18
N TYR A 67 -12.14 -12.41 -4.18
CA TYR A 67 -11.21 -11.66 -4.98
C TYR A 67 -11.55 -11.66 -6.47
N PHE A 68 -12.04 -12.79 -6.97
CA PHE A 68 -12.38 -12.92 -8.40
C PHE A 68 -13.55 -12.04 -8.80
N ALA A 69 -14.48 -11.81 -7.87
CA ALA A 69 -15.52 -10.81 -8.05
C ALA A 69 -14.98 -9.38 -7.86
N LEU A 70 -14.15 -9.16 -6.85
CA LEU A 70 -13.59 -7.82 -6.64
C LEU A 70 -12.73 -7.37 -7.82
N LYS A 71 -12.01 -8.31 -8.41
CA LYS A 71 -11.12 -7.99 -9.52
C LYS A 71 -11.84 -7.92 -10.87
N GLY A 72 -13.14 -8.17 -10.86
CA GLY A 72 -13.94 -8.00 -12.06
C GLY A 72 -13.89 -9.17 -13.03
N ILE A 73 -13.41 -10.30 -12.54
CA ILE A 73 -13.45 -11.55 -13.31
C ILE A 73 -14.89 -12.10 -13.34
N ILE A 74 -15.54 -12.20 -12.18
CA ILE A 74 -16.98 -12.51 -12.12
C ILE A 74 -17.67 -11.42 -11.30
N PRO A 75 -17.74 -10.19 -11.86
CA PRO A 75 -18.20 -9.05 -11.05
C PRO A 75 -19.67 -9.17 -10.67
N GLU A 76 -20.40 -10.00 -11.41
CA GLU A 76 -21.83 -10.17 -11.22
C GLU A 76 -22.19 -11.19 -10.11
N TRP A 77 -21.18 -11.87 -9.57
CA TRP A 77 -21.45 -12.90 -8.57
C TRP A 77 -22.32 -12.38 -7.43
N GLU A 78 -23.29 -13.20 -7.02
CA GLU A 78 -24.18 -12.88 -5.89
C GLU A 78 -23.95 -13.89 -4.76
N TRP A 79 -23.47 -13.39 -3.62
CA TRP A 79 -23.34 -14.21 -2.42
C TRP A 79 -24.70 -14.32 -1.78
N SER A 80 -25.02 -15.50 -1.27
CA SER A 80 -26.31 -15.71 -0.62
C SER A 80 -26.19 -15.52 0.91
N GLU A 81 -24.96 -15.54 1.40
CA GLU A 81 -24.70 -15.50 2.83
C GLU A 81 -23.50 -14.62 3.13
N ASN A 82 -23.48 -14.02 4.33
CA ASN A 82 -22.37 -13.15 4.70
C ASN A 82 -21.06 -13.92 4.90
N PHE A 83 -21.18 -15.18 5.31
CA PHE A 83 -20.04 -16.10 5.45
C PHE A 83 -20.46 -17.42 4.81
N ALA A 84 -20.05 -17.59 3.54
CA ALA A 84 -20.48 -18.69 2.66
C ALA A 84 -20.09 -20.08 3.16
N SER A 85 -21.02 -21.02 3.03
CA SER A 85 -20.78 -22.43 3.36
C SER A 85 -19.95 -23.03 2.25
N GLN A 86 -19.41 -24.24 2.46
CA GLN A 86 -18.57 -24.89 1.46
C GLN A 86 -19.24 -25.06 0.07
N PRO A 87 -20.49 -25.56 0.01
CA PRO A 87 -21.11 -25.71 -1.32
C PRO A 87 -21.23 -24.40 -2.11
N GLU A 88 -21.50 -23.29 -1.43
CA GLU A 88 -21.57 -22.00 -2.12
C GLU A 88 -20.16 -21.58 -2.57
N MET A 89 -19.17 -21.85 -1.72
CA MET A 89 -17.77 -21.57 -2.09
C MET A 89 -17.33 -22.32 -3.33
N LEU A 90 -17.72 -23.60 -3.42
CA LEU A 90 -17.41 -24.43 -4.59
C LEU A 90 -18.06 -23.91 -5.86
N ARG A 91 -19.31 -23.45 -5.75
CA ARG A 91 -19.99 -22.81 -6.88
C ARG A 91 -19.20 -21.58 -7.31
N TYR A 92 -18.73 -20.81 -6.33
CA TYR A 92 -17.95 -19.62 -6.63
C TYR A 92 -16.69 -20.00 -7.40
N VAL A 93 -15.92 -20.96 -6.90
CA VAL A 93 -14.67 -21.35 -7.58
C VAL A 93 -14.98 -21.91 -8.99
N ASN A 94 -16.00 -22.76 -9.11
CA ASN A 94 -16.44 -23.25 -10.45
C ASN A 94 -16.80 -22.13 -11.41
N ARG A 95 -17.58 -21.15 -10.96
CA ARG A 95 -17.94 -19.98 -11.80
C ARG A 95 -16.70 -19.19 -12.21
N ALA A 96 -15.80 -18.94 -11.28
CA ALA A 96 -14.52 -18.27 -11.58
C ALA A 96 -13.76 -19.02 -12.67
N ALA A 97 -13.64 -20.35 -12.49
CA ALA A 97 -12.97 -21.20 -13.47
C ALA A 97 -13.65 -21.17 -14.83
N ASP A 98 -14.98 -21.12 -14.88
CA ASP A 98 -15.69 -20.94 -16.15
C ASP A 98 -15.20 -19.66 -16.81
N ALA A 99 -15.25 -18.56 -16.06
CA ALA A 99 -14.96 -17.25 -16.61
C ALA A 99 -13.48 -17.13 -17.03
N MET A 100 -12.60 -17.77 -16.29
CA MET A 100 -11.18 -17.80 -16.59
C MET A 100 -10.83 -18.75 -17.74
N ASP A 101 -11.75 -19.64 -18.12
CA ASP A 101 -11.50 -20.63 -19.17
C ASP A 101 -10.23 -21.43 -18.91
N VAL A 102 -10.03 -21.76 -17.62
CA VAL A 102 -8.74 -22.25 -17.11
C VAL A 102 -8.64 -23.77 -17.00
N ARG A 103 -9.78 -24.47 -16.95
CA ARG A 103 -9.78 -25.92 -16.83
C ARG A 103 -9.05 -26.60 -17.99
N LYS A 104 -9.16 -26.02 -19.19
CA LYS A 104 -8.46 -26.56 -20.36
C LYS A 104 -6.93 -26.60 -20.23
N HIS A 105 -6.33 -25.81 -19.34
CA HIS A 105 -4.88 -25.86 -19.11
C HIS A 105 -4.47 -26.90 -18.09
N TYR A 106 -5.46 -27.53 -17.46
CA TYR A 106 -5.20 -28.44 -16.36
C TYR A 106 -5.31 -29.92 -16.75
N ARG A 107 -4.51 -30.74 -16.08
CA ARG A 107 -4.72 -32.17 -16.03
C ARG A 107 -5.23 -32.51 -14.64
N PHE A 108 -6.48 -32.98 -14.57
CA PHE A 108 -7.08 -33.38 -13.30
C PHE A 108 -6.83 -34.88 -13.04
N ASN A 109 -7.26 -35.37 -11.88
CA ASN A 109 -7.04 -36.77 -11.49
C ASN A 109 -5.57 -37.20 -11.62
N THR A 110 -4.67 -36.25 -11.35
CA THR A 110 -3.23 -36.43 -11.57
C THR A 110 -2.46 -35.92 -10.36
N ARG A 111 -1.54 -36.73 -9.82
CA ARG A 111 -0.68 -36.27 -8.73
C ARG A 111 0.75 -36.06 -9.16
N VAL A 112 1.33 -34.91 -8.79
CA VAL A 112 2.78 -34.73 -8.87
C VAL A 112 3.40 -35.51 -7.72
N THR A 113 4.25 -36.48 -8.03
CA THR A 113 4.90 -37.32 -7.03
C THR A 113 6.37 -36.91 -6.80
N ALA A 114 6.99 -36.33 -7.81
CA ALA A 114 8.36 -35.88 -7.70
C ALA A 114 8.57 -34.71 -8.63
N ALA A 115 9.55 -33.88 -8.29
CA ALA A 115 10.00 -32.79 -9.15
C ALA A 115 11.50 -32.66 -8.94
N ARG A 116 12.23 -32.60 -10.05
CA ARG A 116 13.71 -32.63 -10.03
C ARG A 116 14.26 -31.49 -10.87
N TYR A 117 15.08 -30.64 -10.24
CA TYR A 117 15.76 -29.58 -10.95
C TYR A 117 16.94 -30.18 -11.69
N VAL A 118 17.07 -29.80 -12.96
CA VAL A 118 18.16 -30.26 -13.80
C VAL A 118 19.06 -29.05 -14.10
N GLU A 119 20.17 -28.99 -13.39
CA GLU A 119 21.12 -27.87 -13.44
C GLU A 119 21.57 -27.50 -14.84
N ASN A 120 21.99 -28.48 -15.61
CA ASN A 120 22.59 -28.26 -16.92
C ASN A 120 21.60 -27.68 -17.90
N ASP A 121 20.31 -27.92 -17.65
CA ASP A 121 19.25 -27.45 -18.56
C ASP A 121 18.38 -26.34 -17.96
N ARG A 122 18.62 -26.01 -16.68
CA ARG A 122 17.88 -24.94 -16.00
C ARG A 122 16.37 -25.16 -16.11
N LEU A 123 15.92 -26.37 -15.78
CA LEU A 123 14.51 -26.71 -15.88
C LEU A 123 14.11 -27.69 -14.78
N TRP A 124 12.80 -27.86 -14.60
CA TRP A 124 12.29 -28.87 -13.67
C TRP A 124 11.67 -30.04 -14.43
N GLU A 125 12.00 -31.24 -13.98
CA GLU A 125 11.35 -32.47 -14.42
C GLU A 125 10.31 -32.84 -13.37
N VAL A 126 9.05 -32.79 -13.81
CA VAL A 126 7.90 -33.04 -12.94
C VAL A 126 7.36 -34.44 -13.24
N THR A 127 7.41 -35.31 -12.25
CA THR A 127 6.90 -36.66 -12.37
C THR A 127 5.45 -36.71 -11.92
N LEU A 128 4.59 -37.16 -12.81
CA LEU A 128 3.17 -37.35 -12.53
C LEU A 128 2.92 -38.82 -12.25
N ASP A 129 2.20 -39.08 -11.16
CA ASP A 129 1.72 -40.42 -10.82
C ASP A 129 2.80 -41.49 -10.99
N ASN A 130 4.00 -41.17 -10.49
CA ASN A 130 5.23 -42.00 -10.56
C ASN A 130 5.60 -42.61 -11.94
N GLU A 131 5.22 -41.92 -13.02
CA GLU A 131 5.45 -42.43 -14.38
C GLU A 131 5.87 -41.36 -15.40
N GLU A 132 4.91 -40.60 -15.93
CA GLU A 132 5.16 -39.60 -16.97
C GLU A 132 5.91 -38.41 -16.41
N VAL A 133 6.79 -37.83 -17.23
CA VAL A 133 7.60 -36.69 -16.86
C VAL A 133 7.30 -35.53 -17.80
N VAL A 134 6.93 -34.38 -17.23
CA VAL A 134 6.91 -33.13 -18.00
C VAL A 134 8.02 -32.19 -17.53
N THR A 135 8.43 -31.27 -18.40
CA THR A 135 9.47 -30.30 -18.08
C THR A 135 8.96 -28.86 -18.21
N CYS A 136 9.37 -28.02 -17.25
CA CYS A 136 8.99 -26.62 -17.27
C CYS A 136 10.19 -25.77 -16.86
N ARG A 137 10.25 -24.55 -17.38
CA ARG A 137 11.24 -23.58 -16.91
C ARG A 137 10.97 -23.24 -15.43
N PHE A 138 9.73 -22.92 -15.09
CA PHE A 138 9.37 -22.56 -13.71
C PHE A 138 8.38 -23.54 -13.08
N LEU A 139 8.65 -23.90 -11.84
CA LEU A 139 7.72 -24.73 -11.11
C LEU A 139 7.06 -23.87 -10.05
N ILE A 140 5.73 -23.88 -10.02
CA ILE A 140 5.01 -23.06 -9.07
C ILE A 140 4.11 -23.96 -8.26
N SER A 141 4.31 -23.97 -6.96
CA SER A 141 3.48 -24.74 -6.09
C SER A 141 2.36 -23.88 -5.52
N ALA A 142 1.15 -24.40 -5.63
CA ALA A 142 -0.03 -23.84 -4.99
C ALA A 142 -0.79 -25.02 -4.37
N THR A 143 -0.07 -25.78 -3.57
CA THR A 143 -0.53 -27.09 -3.08
C THR A 143 -1.29 -27.01 -1.77
N GLY A 144 -1.55 -25.78 -1.31
CA GLY A 144 -2.36 -25.60 -0.12
C GLY A 144 -1.55 -25.20 1.10
N PRO A 145 -2.03 -24.17 1.81
CA PRO A 145 -1.35 -23.67 3.01
C PRO A 145 -1.57 -24.55 4.22
N LEU A 146 -2.45 -25.54 4.11
CA LEU A 146 -2.80 -26.39 5.24
C LEU A 146 -2.77 -27.86 4.85
N SER A 147 -2.48 -28.70 5.84
CA SER A 147 -2.51 -30.15 5.69
C SER A 147 -3.31 -30.80 6.82
N ALA A 148 -3.87 -31.97 6.53
CA ALA A 148 -4.53 -32.83 7.53
C ALA A 148 -3.64 -33.05 8.76
N SER A 149 -4.21 -32.81 9.95
CA SER A 149 -3.48 -32.93 11.22
C SER A 149 -3.04 -34.35 11.55
N PRO A 152 -4.40 -38.40 14.80
CA PRO A 152 -4.52 -38.41 16.26
C PRO A 152 -3.75 -39.58 16.89
N ASP A 153 -3.30 -39.38 18.12
CA ASP A 153 -2.25 -40.21 18.70
C ASP A 153 -2.75 -41.15 19.82
N ILE A 154 -3.71 -42.02 19.49
CA ILE A 154 -4.33 -42.92 20.46
C ILE A 154 -4.39 -44.36 19.96
N LYS A 155 -4.21 -45.31 20.88
CA LYS A 155 -4.28 -46.73 20.56
C LYS A 155 -5.63 -47.20 20.01
N GLY A 156 -5.59 -48.27 19.21
CA GLY A 156 -6.78 -48.98 18.74
C GLY A 156 -7.85 -48.22 17.98
N ILE A 157 -7.48 -47.10 17.36
CA ILE A 157 -8.45 -46.32 16.59
C ILE A 157 -9.10 -47.15 15.49
N ASP A 158 -8.31 -48.01 14.85
CA ASP A 158 -8.81 -48.81 13.74
C ASP A 158 -9.73 -49.97 14.21
N SER A 159 -9.72 -50.24 15.51
CA SER A 159 -10.50 -51.33 16.11
C SER A 159 -11.99 -51.03 16.37
N PHE A 160 -12.40 -49.76 16.24
CA PHE A 160 -13.79 -49.34 16.47
C PHE A 160 -14.72 -49.98 15.45
N LYS A 161 -15.83 -50.55 15.93
CA LYS A 161 -16.75 -51.28 15.03
C LYS A 161 -17.94 -50.44 14.56
N GLY A 162 -18.03 -49.19 15.02
CA GLY A 162 -19.08 -48.30 14.52
C GLY A 162 -18.61 -47.48 13.33
N GLU A 163 -19.36 -46.43 13.02
CA GLU A 163 -18.99 -45.49 11.95
C GLU A 163 -17.95 -44.50 12.45
N SER A 164 -16.84 -44.37 11.73
CA SER A 164 -15.85 -43.34 12.01
C SER A 164 -15.90 -42.29 10.91
N PHE A 165 -15.87 -41.01 11.30
CA PHE A 165 -15.84 -39.90 10.37
C PHE A 165 -14.61 -39.04 10.65
N HIS A 166 -13.89 -38.68 9.60
CA HIS A 166 -12.75 -37.76 9.70
C HIS A 166 -13.09 -36.50 8.92
N SER A 167 -12.99 -35.34 9.57
CA SER A 167 -13.44 -34.08 8.95
C SER A 167 -12.66 -33.70 7.68
N SER A 168 -11.40 -34.15 7.61
CA SER A 168 -10.54 -33.93 6.45
C SER A 168 -10.96 -34.76 5.23
N ARG A 169 -11.70 -35.85 5.46
CA ARG A 169 -12.18 -36.69 4.36
C ARG A 169 -13.60 -37.20 4.61
N TRP A 170 -14.51 -36.27 4.83
CA TRP A 170 -15.89 -36.63 5.10
C TRP A 170 -16.48 -37.35 3.89
N PRO A 171 -17.08 -38.54 4.11
CA PRO A 171 -17.67 -39.32 3.02
C PRO A 171 -18.78 -38.54 2.32
N THR A 172 -18.81 -38.62 0.99
CA THR A 172 -19.80 -37.88 0.20
C THR A 172 -20.62 -38.81 -0.69
N ASP A 173 -21.85 -38.39 -1.01
CA ASP A 173 -22.74 -39.17 -1.87
C ASP A 173 -22.58 -38.79 -3.35
N ALA A 174 -23.63 -39.01 -4.14
CA ALA A 174 -23.63 -38.79 -5.59
C ALA A 174 -23.64 -37.30 -5.96
N GLU A 175 -24.53 -36.53 -5.33
CA GLU A 175 -24.53 -35.07 -5.49
C GLU A 175 -23.15 -34.50 -5.16
N GLY A 176 -22.66 -34.82 -3.97
CA GLY A 176 -21.44 -34.24 -3.44
C GLY A 176 -21.65 -33.75 -2.04
N ALA A 177 -22.84 -34.02 -1.50
CA ALA A 177 -23.17 -33.68 -0.11
C ALA A 177 -22.61 -34.72 0.86
N PRO A 178 -22.29 -34.30 2.09
CA PRO A 178 -21.81 -35.20 3.14
C PRO A 178 -22.75 -36.39 3.41
N LYS A 179 -22.16 -37.54 3.69
CA LYS A 179 -22.90 -38.77 3.99
C LYS A 179 -23.05 -38.95 5.50
N GLY A 180 -24.23 -39.42 5.91
CA GLY A 180 -24.46 -39.88 7.28
C GLY A 180 -24.37 -38.82 8.36
N VAL A 181 -24.94 -37.64 8.09
CA VAL A 181 -24.97 -36.55 9.06
C VAL A 181 -26.26 -36.56 9.91
N ASP A 182 -27.16 -37.48 9.61
CA ASP A 182 -28.32 -37.72 10.47
C ASP A 182 -27.94 -38.75 11.52
N PHE A 183 -27.75 -38.28 12.75
CA PHE A 183 -27.29 -39.13 13.86
C PHE A 183 -28.41 -39.60 14.82
N THR A 184 -29.65 -39.59 14.35
CA THR A 184 -30.79 -40.06 15.17
C THR A 184 -30.53 -41.48 15.69
N GLY A 185 -30.74 -41.68 16.98
CA GLY A 185 -30.65 -42.99 17.60
C GLY A 185 -29.21 -43.36 17.90
N LYS A 186 -28.28 -42.49 17.53
CA LYS A 186 -26.85 -42.79 17.70
C LYS A 186 -26.19 -42.05 18.85
N ARG A 187 -25.35 -42.76 19.58
CA ARG A 187 -24.45 -42.14 20.54
C ARG A 187 -23.17 -41.74 19.79
N VAL A 188 -22.90 -40.44 19.76
CA VAL A 188 -21.80 -39.88 18.98
C VAL A 188 -20.71 -39.36 19.92
N GLY A 189 -19.46 -39.62 19.56
CA GLY A 189 -18.30 -39.07 20.28
C GLY A 189 -17.50 -38.20 19.32
N VAL A 190 -17.13 -36.99 19.76
CA VAL A 190 -16.36 -36.07 18.91
C VAL A 190 -15.01 -35.83 19.57
N ILE A 191 -13.93 -36.10 18.85
CA ILE A 191 -12.60 -35.80 19.35
C ILE A 191 -12.02 -34.60 18.60
N GLY A 192 -11.82 -33.51 19.35
CA GLY A 192 -11.28 -32.28 18.78
C GLY A 192 -12.27 -31.14 18.89
N THR A 193 -11.85 -30.04 19.51
CA THR A 193 -12.66 -28.83 19.58
C THR A 193 -11.92 -27.63 18.96
N GLY A 194 -11.21 -27.87 17.87
CA GLY A 194 -10.59 -26.80 17.11
C GLY A 194 -11.62 -26.25 16.16
N ALA A 195 -11.15 -25.56 15.13
CA ALA A 195 -12.03 -24.91 14.18
C ALA A 195 -13.09 -25.85 13.58
N THR A 196 -12.71 -27.06 13.15
CA THR A 196 -13.70 -27.95 12.52
C THR A 196 -14.67 -28.58 13.54
N GLY A 197 -14.14 -28.90 14.72
CA GLY A 197 -14.94 -29.44 15.83
C GLY A 197 -16.03 -28.48 16.25
N VAL A 198 -15.70 -27.19 16.40
CA VAL A 198 -16.71 -26.21 16.81
C VAL A 198 -17.76 -25.94 15.75
N GLN A 199 -17.46 -26.29 14.50
CA GLN A 199 -18.48 -26.24 13.43
C GLN A 199 -19.36 -27.50 13.40
N ILE A 200 -18.76 -28.66 13.69
CA ILE A 200 -19.48 -29.93 13.60
C ILE A 200 -20.37 -30.18 14.82
N ILE A 201 -19.84 -29.89 16.00
CA ILE A 201 -20.52 -30.18 17.28
C ILE A 201 -22.00 -29.74 17.35
N PRO A 202 -22.30 -28.46 17.11
CA PRO A 202 -23.69 -27.96 17.11
C PRO A 202 -24.63 -28.65 16.13
N ILE A 203 -24.11 -29.00 14.97
CA ILE A 203 -24.92 -29.66 13.96
C ILE A 203 -25.17 -31.10 14.36
N ALA A 204 -24.13 -31.82 14.77
CA ALA A 204 -24.31 -33.21 15.23
C ALA A 204 -25.34 -33.30 16.36
N ALA A 205 -25.30 -32.32 17.25
CA ALA A 205 -26.18 -32.27 18.43
C ALA A 205 -27.65 -32.12 18.08
N GLU A 206 -27.93 -31.66 16.86
CA GLU A 206 -29.31 -31.49 16.39
C GLU A 206 -30.09 -32.81 16.31
N THR A 207 -29.39 -33.91 16.01
CA THR A 207 -30.02 -35.22 15.79
C THR A 207 -29.50 -36.32 16.70
N ALA A 208 -28.29 -36.19 17.20
CA ALA A 208 -27.66 -37.27 17.97
C ALA A 208 -28.50 -37.66 19.19
N LYS A 209 -28.49 -38.95 19.53
CA LYS A 209 -29.17 -39.45 20.72
C LYS A 209 -28.41 -38.95 21.95
N GLU A 210 -27.09 -39.07 21.90
CA GLU A 210 -26.20 -38.51 22.90
C GLU A 210 -24.95 -38.04 22.17
N LEU A 211 -24.29 -37.02 22.71
CA LEU A 211 -23.07 -36.48 22.12
C LEU A 211 -22.06 -36.25 23.21
N TYR A 212 -20.93 -36.94 23.09
CA TYR A 212 -19.81 -36.80 24.03
C TYR A 212 -18.66 -36.06 23.34
N VAL A 213 -18.20 -34.98 23.96
CA VAL A 213 -17.15 -34.19 23.34
C VAL A 213 -15.88 -34.41 24.12
N PHE A 214 -14.88 -34.96 23.45
CA PHE A 214 -13.59 -35.23 24.08
C PHE A 214 -12.62 -34.11 23.80
N GLN A 215 -12.34 -33.33 24.85
CA GLN A 215 -11.56 -32.12 24.75
C GLN A 215 -10.39 -32.23 25.68
N ARG A 216 -9.20 -32.01 25.13
CA ARG A 216 -8.01 -31.95 25.97
C ARG A 216 -7.84 -30.55 26.53
N THR A 217 -7.68 -29.58 25.63
CA THR A 217 -7.62 -28.17 26.02
C THR A 217 -8.46 -27.32 25.09
N PRO A 218 -9.18 -26.32 25.63
CA PRO A 218 -10.10 -25.55 24.79
C PRO A 218 -9.38 -24.50 23.97
N ASN A 219 -9.98 -24.10 22.85
CA ASN A 219 -9.60 -22.90 22.12
C ASN A 219 -10.50 -21.73 22.48
N TRP A 220 -10.00 -20.52 22.30
CA TRP A 220 -10.85 -19.32 22.28
C TRP A 220 -11.68 -19.36 20.99
N CYS A 221 -12.98 -19.17 21.11
CA CYS A 221 -13.86 -19.08 19.95
C CYS A 221 -14.72 -17.85 20.15
N THR A 222 -15.24 -17.30 19.05
CA THR A 222 -16.12 -16.14 19.12
C THR A 222 -17.29 -16.33 18.15
N PRO A 223 -18.44 -15.68 18.41
CA PRO A 223 -19.56 -15.91 17.49
C PRO A 223 -19.36 -15.32 16.08
N LEU A 224 -19.76 -16.08 15.08
CA LEU A 224 -19.65 -15.69 13.69
C LEU A 224 -20.63 -14.58 13.31
N GLY A 225 -21.87 -14.72 13.73
CA GLY A 225 -22.90 -13.73 13.44
C GLY A 225 -23.38 -13.82 12.00
N ASN A 226 -23.38 -15.03 11.44
CA ASN A 226 -23.77 -15.22 10.04
C ASN A 226 -25.26 -14.92 9.82
N SER A 227 -25.59 -14.48 8.61
CA SER A 227 -26.97 -14.22 8.23
C SER A 227 -27.08 -14.21 6.70
N PRO A 228 -28.29 -14.35 6.16
CA PRO A 228 -28.43 -14.30 4.69
C PRO A 228 -28.10 -12.90 4.16
N MET A 229 -27.57 -12.85 2.95
CA MET A 229 -27.21 -11.60 2.31
C MET A 229 -28.41 -11.11 1.50
N SER A 230 -28.92 -9.92 1.79
CA SER A 230 -30.06 -9.43 1.03
C SER A 230 -29.61 -8.94 -0.35
N LYS A 231 -30.57 -8.75 -1.24
CA LYS A 231 -30.28 -8.26 -2.58
C LYS A 231 -29.78 -6.83 -2.52
N GLU A 232 -30.40 -6.01 -1.66
CA GLU A 232 -29.98 -4.63 -1.45
C GLU A 232 -28.55 -4.48 -0.88
N LYS A 233 -28.19 -5.35 0.06
CA LYS A 233 -26.83 -5.38 0.60
C LYS A 233 -25.82 -5.81 -0.46
N MET A 234 -26.16 -6.84 -1.22
CA MET A 234 -25.25 -7.41 -2.20
C MET A 234 -24.97 -6.37 -3.26
N ASP A 235 -26.02 -5.66 -3.69
CA ASP A 235 -25.89 -4.60 -4.70
C ASP A 235 -25.02 -3.45 -4.22
N SER A 236 -25.26 -2.98 -2.99
CA SER A 236 -24.49 -1.83 -2.50
C SER A 236 -23.02 -2.22 -2.27
N LEU A 237 -22.80 -3.46 -1.81
CA LEU A 237 -21.44 -4.04 -1.78
C LEU A 237 -20.76 -3.96 -3.14
N ARG A 238 -21.38 -4.56 -4.15
CA ARG A 238 -20.82 -4.53 -5.49
C ARG A 238 -20.52 -3.10 -6.00
N ASN A 239 -21.39 -2.14 -5.70
CA ASN A 239 -21.17 -0.75 -6.09
C ASN A 239 -19.92 -0.20 -5.40
N ARG A 240 -19.63 -0.74 -4.22
CA ARG A 240 -18.51 -0.33 -3.36
C ARG A 240 -17.23 -1.13 -3.60
N TYR A 241 -17.23 -2.03 -4.58
CA TYR A 241 -16.10 -2.92 -4.79
C TYR A 241 -14.75 -2.19 -4.93
N PRO A 242 -14.68 -1.09 -5.73
CA PRO A 242 -13.40 -0.36 -5.85
C PRO A 242 -12.78 0.11 -4.54
N THR A 243 -13.60 0.59 -3.62
CA THR A 243 -13.17 0.96 -2.27
C THR A 243 -12.83 -0.27 -1.45
N ILE A 244 -13.68 -1.30 -1.53
CA ILE A 244 -13.46 -2.55 -0.76
C ILE A 244 -12.10 -3.19 -1.11
N LEU A 245 -11.82 -3.29 -2.40
CA LEU A 245 -10.54 -3.77 -2.88
C LEU A 245 -9.36 -2.95 -2.36
N GLU A 246 -9.45 -1.63 -2.44
CA GLU A 246 -8.35 -0.79 -1.96
C GLU A 246 -8.19 -0.94 -0.45
N TYR A 247 -9.29 -1.10 0.26
CA TYR A 247 -9.23 -1.32 1.71
C TYR A 247 -8.58 -2.65 2.09
N VAL A 248 -8.99 -3.75 1.47
CA VAL A 248 -8.44 -5.06 1.87
C VAL A 248 -6.96 -5.23 1.44
N LYS A 249 -6.57 -4.54 0.38
CA LYS A 249 -5.15 -4.41 0.00
C LYS A 249 -4.28 -3.63 0.99
N SER A 250 -4.93 -2.95 1.95
CA SER A 250 -4.25 -1.99 2.82
C SER A 250 -4.26 -2.40 4.29
N THR A 251 -5.00 -3.45 4.63
CA THR A 251 -5.07 -3.92 6.02
C THR A 251 -4.00 -4.95 6.20
N ASP A 252 -3.62 -5.18 7.45
CA ASP A 252 -2.53 -6.08 7.73
C ASP A 252 -2.82 -7.53 7.35
N THR A 253 -4.09 -7.92 7.36
CA THR A 253 -4.44 -9.32 7.12
C THR A 253 -5.15 -9.52 5.79
N ALA A 254 -5.54 -8.42 5.15
CA ALA A 254 -6.46 -8.46 4.00
C ALA A 254 -7.89 -8.84 4.38
N PHE A 255 -8.15 -9.04 5.68
CA PHE A 255 -9.56 -9.10 6.14
C PHE A 255 -10.07 -7.65 6.14
N PRO A 256 -11.41 -7.43 6.11
CA PRO A 256 -11.95 -6.06 6.16
C PRO A 256 -11.95 -5.43 7.56
N TYR A 257 -10.80 -5.44 8.22
CA TYR A 257 -10.64 -4.94 9.58
C TYR A 257 -9.25 -4.37 9.78
N HIS A 258 -9.16 -3.36 10.64
CA HIS A 258 -7.88 -2.82 11.08
C HIS A 258 -7.94 -2.48 12.57
N ARG A 259 -6.79 -2.55 13.20
CA ARG A 259 -6.68 -2.38 14.65
C ARG A 259 -7.03 -0.97 15.07
N ASP A 260 -7.52 -0.85 16.28
CA ASP A 260 -7.76 0.43 16.89
C ASP A 260 -6.38 1.05 17.15
N PRO A 261 -6.23 2.37 16.96
CA PRO A 261 -4.93 3.01 17.15
C PRO A 261 -4.51 3.22 18.62
N ARG A 262 -5.47 3.14 19.54
CA ARG A 262 -5.20 3.26 20.98
C ARG A 262 -4.68 1.93 21.53
N LYS A 263 -3.92 2.00 22.63
CA LYS A 263 -3.59 0.82 23.43
C LYS A 263 -4.75 0.53 24.37
N GLY A 264 -4.82 -0.69 24.90
CA GLY A 264 -5.83 -1.04 25.88
C GLY A 264 -5.92 -0.11 27.09
N THR A 265 -4.77 0.29 27.63
CA THR A 265 -4.73 1.19 28.80
C THR A 265 -5.05 2.66 28.48
N ASP A 266 -5.12 3.02 27.19
CA ASP A 266 -5.51 4.37 26.79
C ASP A 266 -6.95 4.68 27.20
N VAL A 267 -7.71 3.64 27.56
CA VAL A 267 -9.11 3.81 27.94
C VAL A 267 -9.41 3.13 29.28
N SER A 268 -10.52 3.53 29.88
CA SER A 268 -10.95 3.02 31.18
C SER A 268 -11.56 1.63 31.06
N GLU A 269 -11.62 0.91 32.18
CA GLU A 269 -12.26 -0.40 32.24
C GLU A 269 -13.70 -0.32 31.72
N SER A 270 -14.39 0.77 32.04
CA SER A 270 -15.77 0.99 31.61
C SER A 270 -15.89 1.07 30.09
N GLU A 271 -15.05 1.90 29.46
CA GLU A 271 -15.05 2.04 28.02
C GLU A 271 -14.66 0.73 27.33
N ARG A 272 -13.67 0.03 27.88
CA ARG A 272 -13.20 -1.24 27.32
C ARG A 272 -14.32 -2.27 27.22
N ASP A 273 -15.01 -2.48 28.34
CA ASP A 273 -16.12 -3.42 28.43
C ASP A 273 -17.21 -3.12 27.39
N ALA A 274 -17.57 -1.84 27.25
CA ALA A 274 -18.55 -1.38 26.27
C ALA A 274 -18.07 -1.57 24.86
N PHE A 275 -16.77 -1.33 24.66
CA PHE A 275 -16.09 -1.52 23.38
C PHE A 275 -16.12 -3.00 22.96
N PHE A 276 -15.75 -3.89 23.90
CA PHE A 276 -15.74 -5.33 23.64
C PHE A 276 -17.15 -5.88 23.42
N GLU A 277 -18.09 -5.52 24.29
CA GLU A 277 -19.50 -5.88 24.11
C GLU A 277 -19.98 -5.59 22.68
N GLU A 278 -19.70 -4.39 22.19
CA GLU A 278 -20.22 -4.00 20.88
C GLU A 278 -19.57 -4.86 19.79
N LEU A 279 -18.25 -5.03 19.85
CA LEU A 279 -17.50 -5.86 18.93
C LEU A 279 -17.94 -7.32 18.93
N TYR A 280 -18.11 -7.87 20.13
CA TYR A 280 -18.51 -9.27 20.31
C TYR A 280 -19.82 -9.60 19.62
N ARG A 281 -20.71 -8.62 19.57
CA ARG A 281 -22.05 -8.78 19.00
C ARG A 281 -22.09 -8.43 17.50
N GLN A 282 -20.94 -8.07 16.96
CA GLN A 282 -20.89 -7.71 15.57
C GLN A 282 -20.39 -8.93 14.80
N PRO A 283 -21.02 -9.22 13.63
CA PRO A 283 -20.63 -10.37 12.84
C PRO A 283 -19.15 -10.30 12.47
N GLY A 284 -18.46 -11.43 12.51
CA GLY A 284 -17.11 -11.53 11.97
C GLY A 284 -16.01 -11.32 12.98
N TYR A 285 -14.79 -11.12 12.46
CA TYR A 285 -13.56 -11.11 13.28
C TYR A 285 -13.22 -9.81 14.01
N GLY A 286 -14.08 -8.79 13.90
CA GLY A 286 -13.84 -7.49 14.56
C GLY A 286 -13.26 -7.58 15.97
N ILE A 287 -13.82 -8.47 16.80
CA ILE A 287 -13.41 -8.64 18.21
C ILE A 287 -11.90 -8.91 18.32
N TRP A 288 -11.36 -9.53 17.28
CA TRP A 288 -9.96 -9.86 17.26
C TRP A 288 -9.20 -8.80 16.46
N LEU A 289 -9.65 -8.56 15.23
CA LEU A 289 -8.89 -7.76 14.25
C LEU A 289 -9.08 -6.26 14.34
N SER A 290 -10.18 -5.81 14.97
CA SER A 290 -10.39 -4.39 15.25
C SER A 290 -10.02 -4.00 16.69
N GLY A 291 -9.38 -4.92 17.41
CA GLY A 291 -9.06 -4.66 18.82
C GLY A 291 -7.99 -3.60 18.98
N PHE A 292 -7.57 -3.35 20.22
CA PHE A 292 -6.50 -2.40 20.49
C PHE A 292 -5.20 -2.82 19.86
N ARG A 293 -4.33 -1.85 19.60
CA ARG A 293 -3.13 -2.09 18.80
C ARG A 293 -2.16 -3.08 19.43
N ASP A 294 -2.18 -3.15 20.77
CA ASP A 294 -1.24 -4.00 21.51
C ASP A 294 -1.85 -5.33 21.97
N LEU A 295 -3.01 -5.69 21.42
CA LEU A 295 -3.69 -6.95 21.76
C LEU A 295 -2.74 -8.16 21.71
N LEU A 296 -1.91 -8.23 20.68
CA LEU A 296 -1.01 -9.34 20.50
C LEU A 296 0.43 -8.99 20.83
N LEU A 297 0.64 -7.82 21.43
CA LEU A 297 2.00 -7.36 21.76
C LEU A 297 2.21 -7.21 23.26
N ASN A 298 1.14 -7.27 24.05
CA ASN A 298 1.20 -6.91 25.46
C ASN A 298 0.28 -7.79 26.30
N LYS A 299 0.86 -8.52 27.26
CA LYS A 299 0.09 -9.50 28.05
C LYS A 299 -1.10 -8.88 28.79
N GLU A 300 -0.92 -7.68 29.33
CA GLU A 300 -1.99 -7.01 30.06
C GLU A 300 -3.15 -6.67 29.15
N SER A 301 -2.83 -6.08 28.01
CA SER A 301 -3.85 -5.71 27.02
C SER A 301 -4.60 -6.96 26.55
N ASN A 302 -3.86 -8.03 26.31
CA ASN A 302 -4.49 -9.27 25.87
C ASN A 302 -5.45 -9.86 26.92
N LYS A 303 -5.06 -9.75 28.20
CA LYS A 303 -5.89 -10.22 29.32
C LYS A 303 -7.21 -9.47 29.42
N PHE A 304 -7.22 -8.17 29.08
CA PHE A 304 -8.49 -7.41 29.08
C PHE A 304 -9.55 -8.12 28.24
N LEU A 305 -9.16 -8.49 27.01
CA LEU A 305 -10.09 -9.14 26.11
C LEU A 305 -10.35 -10.57 26.53
N ALA A 306 -9.30 -11.33 26.82
CA ALA A 306 -9.46 -12.75 27.19
C ALA A 306 -10.46 -12.90 28.35
N ASP A 307 -10.38 -11.99 29.32
CA ASP A 307 -11.27 -11.97 30.47
C ASP A 307 -12.69 -11.60 30.06
N PHE A 308 -12.81 -10.71 29.10
CA PHE A 308 -14.13 -10.38 28.57
C PHE A 308 -14.77 -11.59 27.86
N VAL A 309 -14.00 -12.27 27.03
CA VAL A 309 -14.53 -13.42 26.31
C VAL A 309 -14.94 -14.54 27.29
N ALA A 310 -14.11 -14.78 28.31
CA ALA A 310 -14.44 -15.72 29.38
C ALA A 310 -15.79 -15.40 29.99
N LYS A 311 -16.01 -14.12 30.30
CA LYS A 311 -17.24 -13.64 30.88
C LYS A 311 -18.45 -14.01 30.01
N LYS A 312 -18.31 -13.83 28.70
CA LYS A 312 -19.37 -14.17 27.76
C LYS A 312 -19.61 -15.69 27.65
N ILE A 313 -18.54 -16.49 27.75
CA ILE A 313 -18.68 -17.97 27.79
C ILE A 313 -19.44 -18.46 29.04
N ARG A 314 -19.18 -17.83 30.19
CA ARG A 314 -19.90 -18.12 31.44
C ARG A 314 -21.34 -17.67 31.35
N GLN A 315 -21.60 -16.63 30.56
CA GLN A 315 -22.97 -16.18 30.33
C GLN A 315 -23.74 -17.20 29.48
N ARG A 316 -23.08 -17.73 28.46
CA ARG A 316 -23.77 -18.55 27.45
C ARG A 316 -23.91 -20.01 27.86
N VAL A 317 -22.99 -20.51 28.69
CA VAL A 317 -23.04 -21.88 29.21
C VAL A 317 -23.61 -21.86 30.63
N LYS A 318 -24.67 -22.63 30.86
CA LYS A 318 -25.41 -22.56 32.12
C LYS A 318 -24.68 -23.22 33.30
N ASP A 319 -24.14 -24.41 33.08
CA ASP A 319 -23.38 -25.13 34.09
C ASP A 319 -21.99 -24.49 34.29
N PRO A 320 -21.77 -23.88 35.47
CA PRO A 320 -20.49 -23.20 35.75
C PRO A 320 -19.26 -24.11 35.69
N VAL A 321 -19.43 -25.39 36.01
CA VAL A 321 -18.32 -26.33 35.98
C VAL A 321 -17.88 -26.56 34.53
N VAL A 322 -18.85 -26.83 33.67
CA VAL A 322 -18.60 -26.98 32.24
C VAL A 322 -18.11 -25.67 31.61
N ALA A 323 -18.73 -24.55 31.97
CA ALA A 323 -18.29 -23.24 31.45
C ALA A 323 -16.78 -23.08 31.62
N GLU A 324 -16.31 -23.34 32.84
CA GLU A 324 -14.91 -23.14 33.19
C GLU A 324 -13.96 -24.04 32.36
N LYS A 325 -14.40 -25.24 32.04
CA LYS A 325 -13.60 -26.14 31.21
C LYS A 325 -13.51 -25.71 29.74
N LEU A 326 -14.42 -24.84 29.31
CA LEU A 326 -14.41 -24.32 27.93
C LEU A 326 -13.58 -23.03 27.77
N ILE A 327 -13.07 -22.51 28.88
CA ILE A 327 -12.30 -21.27 28.89
C ILE A 327 -10.80 -21.56 29.02
N PRO A 328 -9.99 -21.15 28.01
CA PRO A 328 -8.56 -21.41 28.09
C PRO A 328 -7.87 -20.65 29.24
N LYS A 329 -7.07 -21.35 30.02
CA LYS A 329 -6.29 -20.71 31.09
C LYS A 329 -4.81 -20.69 30.72
N ASP A 330 -4.47 -21.31 29.59
CA ASP A 330 -3.07 -21.54 29.27
C ASP A 330 -2.49 -20.73 28.09
N HIS A 331 -3.33 -19.95 27.39
CA HIS A 331 -2.83 -19.15 26.28
C HIS A 331 -3.63 -17.87 26.00
N PRO A 332 -2.99 -16.88 25.35
CA PRO A 332 -3.66 -15.61 25.10
C PRO A 332 -4.71 -15.72 24.01
N PHE A 333 -5.67 -14.80 24.05
CA PHE A 333 -6.66 -14.70 22.98
C PHE A 333 -6.01 -14.21 21.67
N GLY A 334 -6.31 -14.89 20.57
CA GLY A 334 -5.78 -14.48 19.27
C GLY A 334 -4.37 -14.96 18.94
N ALA A 335 -3.81 -15.88 19.73
CA ALA A 335 -2.55 -16.53 19.37
C ALA A 335 -2.70 -17.57 18.24
N LYS A 336 -3.92 -18.06 18.04
CA LYS A 336 -4.21 -19.00 16.95
C LYS A 336 -5.36 -18.43 16.13
N ARG A 337 -5.34 -18.65 14.82
CA ARG A 337 -6.48 -18.27 13.97
C ARG A 337 -7.73 -18.67 14.76
N VAL A 338 -8.47 -17.67 15.25
CA VAL A 338 -9.57 -17.91 16.20
C VAL A 338 -10.75 -18.54 15.48
N PRO A 339 -11.24 -19.71 15.97
CA PRO A 339 -12.41 -20.32 15.34
C PRO A 339 -13.66 -19.50 15.63
N MET A 340 -14.49 -19.27 14.63
CA MET A 340 -15.77 -18.64 14.90
C MET A 340 -16.83 -19.72 14.84
N GLU A 341 -17.97 -19.46 15.48
CA GLU A 341 -18.94 -20.51 15.78
C GLU A 341 -20.38 -20.02 15.69
N THR A 342 -21.30 -20.95 15.47
CA THR A 342 -22.73 -20.66 15.41
C THR A 342 -23.38 -21.53 16.47
N ASN A 343 -23.69 -20.90 17.60
CA ASN A 343 -24.33 -21.53 18.75
C ASN A 343 -23.55 -22.68 19.36
N TYR A 344 -22.23 -22.54 19.38
CA TYR A 344 -21.39 -23.64 19.85
C TYR A 344 -21.53 -23.83 21.35
N TYR A 345 -21.38 -22.75 22.11
CA TYR A 345 -21.30 -22.90 23.54
C TYR A 345 -22.64 -23.31 24.11
N GLU A 346 -23.71 -22.82 23.50
CA GLU A 346 -25.07 -23.21 23.87
C GLU A 346 -25.32 -24.72 23.69
N THR A 347 -24.52 -25.37 22.85
CA THR A 347 -24.72 -26.81 22.62
C THR A 347 -24.58 -27.58 23.92
N TYR A 348 -23.68 -27.12 24.79
CA TYR A 348 -23.44 -27.79 26.07
C TYR A 348 -24.63 -27.66 27.04
N ASN A 349 -25.56 -26.76 26.75
CA ASN A 349 -26.75 -26.60 27.57
C ASN A 349 -27.79 -27.70 27.33
N ARG A 350 -27.59 -28.49 26.27
CA ARG A 350 -28.50 -29.60 25.94
C ARG A 350 -28.33 -30.74 26.90
N ASP A 351 -29.44 -31.41 27.22
CA ASP A 351 -29.47 -32.57 28.13
C ASP A 351 -28.58 -33.72 27.69
N ASN A 352 -28.48 -33.91 26.37
CA ASN A 352 -27.81 -35.05 25.79
C ASN A 352 -26.42 -34.72 25.26
N VAL A 353 -25.85 -33.62 25.74
CA VAL A 353 -24.50 -33.21 25.34
C VAL A 353 -23.62 -33.20 26.57
N HIS A 354 -22.44 -33.81 26.47
CA HIS A 354 -21.59 -34.04 27.62
C HIS A 354 -20.15 -33.72 27.27
N LEU A 355 -19.51 -32.89 28.09
CA LEU A 355 -18.12 -32.53 27.85
C LEU A 355 -17.23 -33.47 28.63
N VAL A 356 -16.30 -34.12 27.92
CA VAL A 356 -15.36 -35.04 28.56
C VAL A 356 -13.95 -34.45 28.52
N ASP A 357 -13.43 -34.16 29.70
CA ASP A 357 -12.11 -33.56 29.86
C ASP A 357 -11.05 -34.67 29.79
N ILE A 358 -10.43 -34.80 28.62
CA ILE A 358 -9.42 -35.85 28.42
C ILE A 358 -8.01 -35.41 28.80
N ARG A 359 -7.88 -34.23 29.41
CA ARG A 359 -6.60 -33.83 29.96
C ARG A 359 -6.42 -34.49 31.31
N GLU A 360 -7.48 -34.51 32.11
CA GLU A 360 -7.43 -35.12 33.42
C GLU A 360 -7.71 -36.62 33.38
N ALA A 361 -8.53 -37.05 32.42
CA ALA A 361 -8.76 -38.47 32.14
C ALA A 361 -8.42 -38.77 30.68
N PRO A 362 -7.12 -38.92 30.36
CA PRO A 362 -6.67 -39.14 28.98
C PRO A 362 -7.28 -40.39 28.36
N ILE A 363 -7.42 -40.39 27.03
CA ILE A 363 -7.95 -41.55 26.31
C ILE A 363 -6.90 -42.67 26.34
N GLN A 364 -7.27 -43.79 26.95
CA GLN A 364 -6.38 -44.96 27.03
C GLN A 364 -6.41 -45.77 25.74
N GLU A 365 -7.58 -45.90 25.13
CA GLU A 365 -7.71 -46.52 23.80
C GLU A 365 -9.09 -46.36 23.19
N VAL A 366 -9.14 -46.34 21.87
CA VAL A 366 -10.39 -46.59 21.15
C VAL A 366 -10.53 -48.11 21.07
N THR A 367 -11.73 -48.61 21.36
CA THR A 367 -12.03 -50.05 21.38
C THR A 367 -13.20 -50.34 20.42
N PRO A 368 -13.49 -51.63 20.15
CA PRO A 368 -14.63 -51.96 19.29
C PRO A 368 -15.96 -51.25 19.67
N GLU A 369 -16.15 -50.98 20.97
CA GLU A 369 -17.41 -50.48 21.52
C GLU A 369 -17.46 -48.96 21.67
N GLY A 370 -16.32 -48.31 21.53
CA GLY A 370 -16.24 -46.86 21.76
C GLY A 370 -14.87 -46.40 22.25
N ILE A 371 -14.87 -45.58 23.29
CA ILE A 371 -13.66 -44.91 23.75
C ILE A 371 -13.47 -45.17 25.23
N LYS A 372 -12.22 -45.44 25.61
CA LYS A 372 -11.89 -45.81 26.97
C LYS A 372 -10.99 -44.74 27.53
N THR A 373 -11.45 -44.01 28.54
CA THR A 373 -10.58 -43.07 29.22
C THR A 373 -10.05 -43.75 30.48
N ALA A 374 -9.18 -43.06 31.21
CA ALA A 374 -8.67 -43.58 32.48
C ALA A 374 -9.78 -43.68 33.52
N ASP A 375 -10.89 -42.99 33.26
CA ASP A 375 -11.94 -42.85 34.27
C ASP A 375 -13.30 -43.47 33.93
N ALA A 376 -13.54 -43.76 32.65
CA ALA A 376 -14.83 -44.32 32.23
C ALA A 376 -14.77 -44.96 30.84
N ALA A 377 -15.81 -45.72 30.52
CA ALA A 377 -15.96 -46.32 29.21
C ALA A 377 -17.19 -45.74 28.53
N TYR A 378 -17.02 -45.28 27.31
CA TYR A 378 -18.10 -44.65 26.54
C TYR A 378 -18.50 -45.55 25.41
N ASP A 379 -19.71 -46.08 25.50
CA ASP A 379 -20.26 -46.93 24.46
C ASP A 379 -20.82 -46.03 23.35
N LEU A 380 -20.25 -46.16 22.14
CA LEU A 380 -20.54 -45.25 21.04
C LEU A 380 -20.87 -45.96 19.73
N ASP A 381 -21.75 -45.34 18.95
CA ASP A 381 -22.09 -45.79 17.60
C ASP A 381 -21.28 -45.06 16.52
N VAL A 382 -20.82 -43.85 16.85
CA VAL A 382 -20.10 -43.00 15.92
C VAL A 382 -18.97 -42.29 16.67
N ILE A 383 -17.80 -42.20 16.03
CA ILE A 383 -16.73 -41.31 16.49
C ILE A 383 -16.40 -40.35 15.36
N ILE A 384 -16.42 -39.06 15.65
CA ILE A 384 -16.03 -38.03 14.70
C ILE A 384 -14.66 -37.48 15.12
N TYR A 385 -13.69 -37.62 14.20
CA TYR A 385 -12.36 -37.09 14.41
C TYR A 385 -12.34 -35.71 13.80
N ALA A 386 -12.59 -34.72 14.66
CA ALA A 386 -12.69 -33.33 14.26
C ALA A 386 -11.29 -32.77 14.41
N THR A 387 -10.47 -33.06 13.41
CA THR A 387 -9.03 -33.01 13.56
C THR A 387 -8.49 -31.69 13.02
N GLY A 388 -7.41 -31.21 13.64
CA GLY A 388 -6.97 -29.81 13.52
C GLY A 388 -6.32 -29.44 12.20
N PHE A 389 -5.22 -28.68 12.28
CA PHE A 389 -4.39 -28.35 11.10
C PHE A 389 -2.99 -27.93 11.50
N ASP A 390 -1.99 -28.43 10.78
CA ASP A 390 -0.68 -27.79 10.74
C ASP A 390 -0.64 -26.87 9.51
N THR A 393 4.00 -29.86 9.46
CA THR A 393 4.16 -30.62 8.21
C THR A 393 3.27 -30.03 7.11
N GLY A 394 3.86 -29.79 5.93
CA GLY A 394 3.19 -29.02 4.89
C GLY A 394 2.81 -29.81 3.66
N SER A 395 2.06 -29.17 2.78
CA SER A 395 1.53 -29.80 1.58
C SER A 395 2.64 -30.21 0.59
N LEU A 396 3.82 -29.64 0.74
CA LEU A 396 4.93 -29.98 -0.16
C LEU A 396 5.64 -31.29 0.21
N ASP A 397 5.53 -31.71 1.46
CA ASP A 397 6.26 -32.88 1.94
C ASP A 397 5.89 -34.15 1.21
N ARG A 398 4.71 -34.19 0.58
CA ARG A 398 4.22 -35.36 -0.15
C ARG A 398 4.90 -35.50 -1.49
N ILE A 399 5.60 -34.45 -1.88
CA ILE A 399 6.31 -34.44 -3.16
C ILE A 399 7.81 -34.54 -2.88
N ASP A 400 8.44 -35.54 -3.49
CA ASP A 400 9.89 -35.66 -3.47
C ASP A 400 10.51 -34.56 -4.34
N ILE A 401 10.73 -33.38 -3.76
CA ILE A 401 11.29 -32.24 -4.47
C ILE A 401 12.80 -32.19 -4.27
N ARG A 402 13.54 -32.23 -5.38
CA ARG A 402 14.99 -32.29 -5.33
C ARG A 402 15.55 -31.12 -6.10
N GLY A 403 16.40 -30.32 -5.45
CA GLY A 403 17.04 -29.19 -6.09
C GLY A 403 18.47 -29.53 -6.52
N LYS A 404 19.33 -28.51 -6.53
CA LYS A 404 20.72 -28.69 -6.97
C LYS A 404 21.44 -29.69 -6.06
N ASP A 405 22.33 -30.49 -6.66
CA ASP A 405 23.08 -31.50 -5.92
C ASP A 405 22.17 -32.50 -5.20
N ASN A 406 20.96 -32.67 -5.70
CA ASN A 406 20.00 -33.68 -5.21
C ASN A 406 19.53 -33.45 -3.76
N VAL A 407 19.58 -32.20 -3.31
CA VAL A 407 19.14 -31.86 -1.96
C VAL A 407 17.63 -31.90 -1.94
N ARG A 408 17.06 -32.50 -0.88
CA ARG A 408 15.62 -32.56 -0.68
C ARG A 408 15.13 -31.30 0.00
N LEU A 409 14.02 -30.75 -0.49
CA LEU A 409 13.42 -29.59 0.16
C LEU A 409 13.23 -29.85 1.66
N ILE A 410 12.76 -31.04 2.00
CA ILE A 410 12.45 -31.33 3.41
C ILE A 410 13.70 -31.30 4.31
N ASP A 411 14.87 -31.58 3.72
CA ASP A 411 16.15 -31.43 4.44
C ASP A 411 16.56 -29.97 4.49
N ALA A 412 16.46 -29.27 3.34
CA ALA A 412 16.76 -27.83 3.28
C ALA A 412 16.00 -27.03 4.34
N TRP A 413 14.77 -27.43 4.60
CA TRP A 413 13.88 -26.75 5.55
C TRP A 413 13.75 -27.45 6.91
N ALA A 414 14.62 -28.41 7.18
CA ALA A 414 14.49 -29.23 8.40
C ALA A 414 14.69 -28.41 9.68
N GLU A 415 15.45 -27.33 9.57
CA GLU A 415 15.63 -26.44 10.71
C GLU A 415 14.71 -25.23 10.59
N GLY A 416 13.68 -25.37 9.74
CA GLY A 416 12.66 -24.35 9.54
C GLY A 416 12.72 -23.80 8.13
N PRO A 417 11.62 -23.23 7.64
CA PRO A 417 11.63 -22.67 6.30
C PRO A 417 12.70 -21.60 6.18
N SER A 418 13.36 -21.59 5.03
CA SER A 418 14.38 -20.64 4.71
C SER A 418 14.08 -20.25 3.26
N THR A 419 13.77 -18.97 3.08
CA THR A 419 13.35 -18.43 1.77
C THR A 419 13.83 -17.00 1.61
N TYR A 420 13.73 -16.48 0.39
CA TYR A 420 13.82 -15.05 0.16
C TYR A 420 12.42 -14.63 -0.24
N LEU A 421 11.86 -13.66 0.50
CA LEU A 421 10.51 -13.13 0.24
C LEU A 421 9.38 -14.16 0.40
N GLY A 422 9.68 -15.29 1.03
CA GLY A 422 8.70 -16.36 1.24
C GLY A 422 8.36 -17.11 -0.03
N LEU A 423 9.16 -16.90 -1.08
CA LEU A 423 8.76 -17.35 -2.42
C LEU A 423 9.70 -18.32 -3.11
N GLN A 424 10.99 -18.16 -2.87
CA GLN A 424 12.02 -19.07 -3.43
C GLN A 424 12.98 -19.44 -2.33
N ALA A 425 13.49 -20.66 -2.40
CA ALA A 425 14.52 -21.14 -1.48
C ALA A 425 15.82 -21.39 -2.19
N ARG A 426 16.93 -21.02 -1.55
CA ARG A 426 18.25 -21.26 -2.13
C ARG A 426 18.47 -22.78 -2.21
N GLY A 427 18.97 -23.23 -3.36
CA GLY A 427 19.10 -24.66 -3.68
C GLY A 427 18.09 -25.11 -4.73
N PHE A 428 17.02 -24.33 -4.89
CA PHE A 428 15.84 -24.70 -5.68
C PHE A 428 15.45 -23.54 -6.62
N PRO A 429 16.24 -23.35 -7.68
CA PRO A 429 16.07 -22.25 -8.62
C PRO A 429 14.79 -22.43 -9.43
N ASN A 430 14.21 -21.32 -9.89
CA ASN A 430 12.99 -21.35 -10.73
C ASN A 430 11.79 -22.03 -10.08
N PHE A 431 11.78 -22.12 -8.76
CA PHE A 431 10.67 -22.76 -8.02
C PHE A 431 10.00 -21.74 -7.07
N PHE A 432 8.73 -21.46 -7.30
CA PHE A 432 7.95 -20.54 -6.45
C PHE A 432 7.00 -21.27 -5.55
N THR A 433 7.06 -20.96 -4.26
CA THR A 433 6.16 -21.50 -3.25
C THR A 433 5.08 -20.48 -2.88
N LEU A 434 3.91 -20.60 -3.52
CA LEU A 434 2.79 -19.72 -3.23
C LEU A 434 2.01 -20.18 -2.01
N VAL A 435 1.48 -19.21 -1.28
CA VAL A 435 0.51 -19.42 -0.18
C VAL A 435 0.82 -20.61 0.74
N GLY A 436 1.55 -20.29 1.81
CA GLY A 436 1.97 -21.27 2.78
C GLY A 436 2.24 -20.51 4.07
N PRO A 437 2.28 -21.22 5.22
CA PRO A 437 2.51 -20.51 6.47
C PRO A 437 3.79 -19.66 6.46
N HIS A 438 4.81 -20.10 5.71
CA HIS A 438 6.11 -19.41 5.68
C HIS A 438 6.07 -18.11 4.89
N ASN A 439 4.94 -17.83 4.23
CA ASN A 439 4.78 -16.53 3.61
C ASN A 439 3.47 -15.83 3.98
N GLY A 440 2.82 -16.26 5.08
CA GLY A 440 1.73 -15.47 5.68
C GLY A 440 0.28 -15.95 5.62
N SER A 441 0.05 -17.15 5.11
CA SER A 441 -1.30 -17.69 4.97
C SER A 441 -2.07 -17.84 6.29
N THR A 442 -1.35 -18.02 7.40
CA THR A 442 -1.95 -18.39 8.68
C THR A 442 -2.96 -17.36 9.16
N PHE A 443 -2.62 -16.09 9.03
CA PHE A 443 -3.51 -15.02 9.46
C PHE A 443 -4.09 -14.19 8.31
N CYS A 444 -3.81 -14.56 7.06
CA CYS A 444 -4.32 -13.86 5.87
C CYS A 444 -5.71 -14.25 5.49
N ASN A 445 -6.41 -13.30 4.88
CA ASN A 445 -7.47 -13.56 3.92
C ASN A 445 -6.80 -14.02 2.60
N VAL A 446 -6.69 -15.33 2.45
CA VAL A 446 -5.96 -15.96 1.35
C VAL A 446 -6.56 -15.63 -0.02
N GLY A 447 -7.89 -15.53 -0.08
CA GLY A 447 -8.56 -15.00 -1.25
C GLY A 447 -7.82 -13.82 -1.83
N VAL A 448 -7.46 -12.85 -0.98
CA VAL A 448 -6.78 -11.64 -1.45
C VAL A 448 -5.24 -11.74 -1.41
N CYS A 449 -4.67 -12.25 -0.32
CA CYS A 449 -3.21 -12.39 -0.19
C CYS A 449 -2.60 -13.25 -1.26
N GLY A 450 -3.25 -14.37 -1.54
CA GLY A 450 -2.78 -15.31 -2.54
C GLY A 450 -2.86 -14.73 -3.94
N GLY A 451 -3.92 -13.97 -4.20
CA GLY A 451 -4.13 -13.36 -5.52
C GLY A 451 -3.00 -12.40 -5.84
N LEU A 452 -2.65 -11.57 -4.86
CA LEU A 452 -1.65 -10.54 -5.03
C LEU A 452 -0.25 -11.14 -5.21
N GLN A 453 -0.02 -12.24 -4.50
CA GLN A 453 1.23 -12.98 -4.61
C GLN A 453 1.41 -13.62 -5.99
N ALA A 454 0.32 -14.17 -6.52
CA ALA A 454 0.31 -14.73 -7.88
C ALA A 454 0.62 -13.66 -8.92
N GLU A 455 0.10 -12.46 -8.69
CA GLU A 455 0.36 -11.33 -9.60
C GLU A 455 1.83 -10.92 -9.59
N TRP A 456 2.42 -10.88 -8.40
CA TRP A 456 3.83 -10.58 -8.26
C TRP A 456 4.69 -11.63 -9.00
N VAL A 457 4.39 -12.92 -8.79
CA VAL A 457 5.11 -14.00 -9.48
C VAL A 457 4.95 -13.87 -11.02
N LEU A 458 3.77 -13.55 -11.49
CA LEU A 458 3.57 -13.32 -12.91
C LEU A 458 4.54 -12.23 -13.39
N ARG A 459 4.62 -11.12 -12.66
CA ARG A 459 5.48 -10.00 -13.06
C ARG A 459 6.96 -10.40 -13.09
N MET A 460 7.40 -11.23 -12.14
CA MET A 460 8.79 -11.70 -12.16
C MET A 460 9.09 -12.62 -13.35
N ILE A 461 8.20 -13.57 -13.60
CA ILE A 461 8.34 -14.46 -14.77
C ILE A 461 8.34 -13.68 -16.10
N SER A 462 7.41 -12.74 -16.26
CA SER A 462 7.42 -11.85 -17.44
C SER A 462 8.73 -11.08 -17.62
N TYR A 463 9.24 -10.51 -16.54
CA TYR A 463 10.52 -9.78 -16.54
C TYR A 463 11.65 -10.66 -17.05
N MET A 464 11.73 -11.89 -16.53
CA MET A 464 12.71 -12.86 -16.98
C MET A 464 12.53 -13.19 -18.47
N LYS A 465 11.31 -13.49 -18.87
CA LYS A 465 10.99 -13.75 -20.29
C LYS A 465 11.45 -12.57 -21.16
N ASP A 466 11.01 -11.35 -20.82
CA ASP A 466 11.41 -10.13 -21.53
C ASP A 466 12.93 -9.95 -21.65
N ASN A 467 13.66 -10.30 -20.58
CA ASN A 467 15.11 -10.14 -20.52
C ASN A 467 15.94 -11.35 -20.94
N GLY A 468 15.26 -12.44 -21.28
CA GLY A 468 15.94 -13.66 -21.68
C GLY A 468 16.62 -14.40 -20.54
N PHE A 469 16.18 -14.16 -19.30
CA PHE A 469 16.71 -14.93 -18.18
C PHE A 469 16.05 -16.30 -18.07
N THR A 470 16.87 -17.32 -17.79
CA THR A 470 16.37 -18.67 -17.64
C THR A 470 16.65 -19.26 -16.25
N TYR A 471 17.24 -18.45 -15.37
CA TYR A 471 17.68 -18.89 -14.04
C TYR A 471 17.44 -17.81 -13.00
N SER A 472 16.88 -18.22 -11.86
CA SER A 472 16.69 -17.33 -10.70
C SER A 472 16.91 -18.13 -9.44
N GLU A 473 17.63 -17.57 -8.47
CA GLU A 473 17.86 -18.23 -7.19
C GLU A 473 18.32 -17.20 -6.19
N PRO A 474 17.78 -17.24 -4.96
CA PRO A 474 18.20 -16.28 -3.94
C PRO A 474 19.66 -16.48 -3.53
N THR A 475 20.38 -15.40 -3.29
CA THR A 475 21.72 -15.52 -2.71
C THR A 475 21.59 -15.94 -1.25
N GLN A 476 22.68 -16.47 -0.69
CA GLN A 476 22.71 -16.86 0.72
CA GLN A 476 22.67 -16.87 0.71
C GLN A 476 22.42 -15.68 1.64
N ALA A 477 22.99 -14.52 1.33
CA ALA A 477 22.78 -13.34 2.17
C ALA A 477 21.34 -12.86 2.17
N ALA A 478 20.72 -12.80 1.00
CA ALA A 478 19.33 -12.33 0.89
C ALA A 478 18.38 -13.25 1.64
N GLU A 479 18.51 -14.55 1.38
CA GLU A 479 17.79 -15.57 2.10
C GLU A 479 17.97 -15.50 3.62
N ASN A 480 19.22 -15.43 4.10
CA ASN A 480 19.49 -15.42 5.53
C ASN A 480 18.90 -14.20 6.20
N ARG A 481 19.16 -13.02 5.63
CA ARG A 481 18.60 -11.79 6.18
C ARG A 481 17.09 -11.82 6.20
N TRP A 482 16.48 -12.26 5.10
CA TRP A 482 15.02 -12.32 5.02
C TRP A 482 14.45 -13.17 6.15
N THR A 483 14.95 -14.40 6.25
CA THR A 483 14.49 -15.36 7.23
C THR A 483 14.72 -14.89 8.69
N GLU A 484 15.86 -14.24 8.94
CA GLU A 484 16.14 -13.70 10.28
C GLU A 484 15.16 -12.60 10.63
N GLU A 485 14.87 -11.75 9.64
CA GLU A 485 13.94 -10.65 9.81
C GLU A 485 12.50 -11.13 10.02
N VAL A 486 12.11 -12.19 9.31
CA VAL A 486 10.81 -12.82 9.53
C VAL A 486 10.72 -13.35 10.96
N TYR A 487 11.77 -14.01 11.44
CA TYR A 487 11.77 -14.48 12.85
C TYR A 487 11.71 -13.31 13.84
N ALA A 488 12.40 -12.22 13.54
CA ALA A 488 12.45 -11.07 14.45
C ALA A 488 11.07 -10.43 14.59
N ASP A 489 10.37 -10.28 13.46
CA ASP A 489 8.97 -9.86 13.47
C ASP A 489 8.12 -10.74 14.39
N PHE A 490 8.19 -12.05 14.16
CA PHE A 490 7.46 -13.03 14.96
C PHE A 490 7.73 -12.90 16.46
N SER A 491 9.02 -12.79 16.82
CA SER A 491 9.45 -12.83 18.23
C SER A 491 8.99 -11.62 19.07
N ARG A 492 8.60 -10.55 18.40
CA ARG A 492 8.14 -9.37 19.10
C ARG A 492 6.67 -9.43 19.53
N THR A 493 5.99 -10.51 19.18
CA THR A 493 4.57 -10.69 19.49
C THR A 493 4.36 -11.74 20.58
N LEU A 494 3.11 -11.90 21.00
CA LEU A 494 2.75 -12.89 22.01
C LEU A 494 2.73 -14.31 21.46
N LEU A 495 2.76 -14.41 20.14
CA LEU A 495 2.66 -15.71 19.47
C LEU A 495 3.86 -16.60 19.77
N ALA A 496 5.03 -16.00 19.96
CA ALA A 496 6.28 -16.73 20.16
C ALA A 496 6.30 -17.56 21.44
N GLU A 497 5.98 -16.93 22.58
CA GLU A 497 5.86 -17.68 23.84
C GLU A 497 4.66 -18.63 23.82
N ALA A 498 3.53 -18.15 23.29
CA ALA A 498 2.30 -18.95 23.22
C ALA A 498 2.40 -20.21 22.35
N ASN A 499 3.06 -20.11 21.21
CA ASN A 499 3.15 -21.24 20.28
C ASN A 499 4.59 -21.71 20.11
N ALA A 500 5.03 -22.56 21.03
CA ALA A 500 6.42 -23.01 21.13
C ALA A 500 6.88 -23.78 19.91
N TRP A 501 5.98 -24.62 19.40
CA TRP A 501 6.25 -25.47 18.25
C TRP A 501 6.30 -24.71 16.92
N TRP A 502 6.00 -23.41 16.94
CA TRP A 502 6.07 -22.57 15.75
C TRP A 502 7.49 -22.02 15.50
N VAL A 503 8.40 -22.30 16.44
CA VAL A 503 9.79 -21.88 16.34
C VAL A 503 10.68 -23.12 16.32
N LYS A 504 11.48 -23.29 15.28
CA LYS A 504 12.53 -24.31 15.33
C LYS A 504 13.83 -23.68 15.82
N THR A 505 14.37 -24.23 16.90
CA THR A 505 15.67 -23.84 17.41
C THR A 505 16.65 -24.99 17.27
N THR A 506 17.76 -24.71 16.60
CA THR A 506 18.79 -25.69 16.37
C THR A 506 20.12 -25.17 16.90
N THR A 507 20.89 -26.04 17.52
CA THR A 507 22.27 -25.74 17.84
C THR A 507 23.13 -26.54 16.87
N LYS A 508 23.87 -25.81 16.04
CA LYS A 508 24.66 -26.38 14.96
C LYS A 508 25.88 -27.18 15.48
N PRO A 509 26.57 -27.92 14.58
CA PRO A 509 27.84 -28.56 14.94
C PRO A 509 28.82 -27.55 15.53
N ASP A 510 29.20 -26.56 14.71
CA ASP A 510 30.11 -25.47 15.12
C ASP A 510 29.67 -24.79 16.42
N GLY A 511 28.36 -24.68 16.63
CA GLY A 511 27.81 -24.24 17.91
C GLY A 511 26.89 -23.04 17.81
N SER A 512 26.70 -22.56 16.59
CA SER A 512 25.79 -21.44 16.35
C SER A 512 24.36 -21.89 16.66
N VAL A 513 23.52 -20.94 17.06
CA VAL A 513 22.12 -21.24 17.36
C VAL A 513 21.23 -20.59 16.31
N VAL A 514 20.47 -21.41 15.61
CA VAL A 514 19.60 -20.92 14.55
C VAL A 514 18.14 -20.95 15.06
N ARG A 515 17.44 -19.82 14.87
CA ARG A 515 16.01 -19.71 15.17
C ARG A 515 15.22 -19.31 13.93
N ARG A 516 14.24 -20.12 13.59
CA ARG A 516 13.38 -19.83 12.45
C ARG A 516 11.93 -20.03 12.85
N THR A 517 11.04 -19.19 12.33
CA THR A 517 9.61 -19.38 12.55
C THR A 517 9.01 -20.15 11.38
N LEU A 518 8.07 -21.02 11.71
CA LEU A 518 7.30 -21.76 10.72
C LEU A 518 6.22 -20.84 10.13
N VAL A 519 5.93 -19.74 10.82
CA VAL A 519 4.80 -18.88 10.48
C VAL A 519 5.22 -17.43 10.33
N HIS A 520 5.02 -16.93 9.12
CA HIS A 520 5.27 -15.54 8.77
C HIS A 520 4.05 -14.70 9.18
N VAL A 521 4.27 -13.69 10.03
CA VAL A 521 3.19 -12.89 10.62
C VAL A 521 3.27 -11.39 10.33
N SER A 522 4.24 -10.99 9.52
CA SER A 522 4.41 -9.61 9.09
C SER A 522 3.14 -9.10 8.35
N GLY A 523 2.81 -7.82 8.51
CA GLY A 523 1.69 -7.23 7.75
C GLY A 523 1.86 -7.37 6.24
N GLY A 524 0.77 -7.68 5.54
CA GLY A 524 0.81 -7.88 4.10
C GLY A 524 1.30 -6.67 3.32
N PRO A 525 0.73 -5.48 3.55
CA PRO A 525 1.18 -4.30 2.78
C PRO A 525 2.68 -4.06 2.85
N GLU A 526 3.26 -4.21 4.05
CA GLU A 526 4.70 -4.04 4.30
C GLU A 526 5.54 -5.14 3.64
N TYR A 527 5.03 -6.36 3.72
CA TYR A 527 5.58 -7.49 2.97
C TYR A 527 5.58 -7.18 1.47
N ARG A 528 4.45 -6.76 0.92
CA ARG A 528 4.37 -6.48 -0.53
C ARG A 528 5.22 -5.27 -0.94
N LYS A 529 5.31 -4.26 -0.08
CA LYS A 529 6.18 -3.11 -0.34
C LYS A 529 7.65 -3.59 -0.51
N ARG A 530 8.12 -4.47 0.39
CA ARG A 530 9.43 -5.09 0.26
C ARG A 530 9.61 -5.88 -1.06
N CYS A 531 8.56 -6.60 -1.45
CA CYS A 531 8.61 -7.38 -2.68
C CYS A 531 8.72 -6.43 -3.88
N GLU A 532 8.07 -5.28 -3.84
CA GLU A 532 8.16 -4.33 -4.95
C GLU A 532 9.49 -3.61 -4.97
N GLN A 533 10.06 -3.34 -3.79
CA GLN A 533 11.41 -2.79 -3.70
C GLN A 533 12.39 -3.71 -4.40
N VAL A 534 12.28 -5.01 -4.10
CA VAL A 534 13.11 -6.04 -4.73
C VAL A 534 12.85 -6.09 -6.26
N ALA A 535 11.60 -6.21 -6.69
CA ALA A 535 11.27 -6.30 -8.13
C ALA A 535 11.76 -5.10 -8.95
N TYR A 536 11.50 -3.89 -8.45
CA TYR A 536 11.91 -2.69 -9.17
C TYR A 536 13.43 -2.63 -9.36
N ASN A 537 14.17 -2.96 -8.29
CA ASN A 537 15.63 -2.93 -8.34
CA ASN A 537 15.65 -2.94 -8.32
C ASN A 537 16.20 -4.22 -8.91
N ASN A 538 15.63 -4.62 -10.06
CA ASN A 538 16.08 -5.75 -10.85
C ASN A 538 16.25 -7.07 -10.10
N TYR A 539 15.28 -7.31 -9.23
CA TYR A 539 15.22 -8.50 -8.41
C TYR A 539 16.49 -8.69 -7.60
N ASN A 540 16.96 -7.59 -7.04
CA ASN A 540 18.06 -7.61 -6.10
C ASN A 540 17.90 -8.70 -5.05
N GLY A 541 18.95 -9.48 -4.86
CA GLY A 541 18.91 -10.58 -3.92
C GLY A 541 18.70 -11.91 -4.60
N PHE A 542 18.13 -11.89 -5.81
CA PHE A 542 18.04 -13.07 -6.66
C PHE A 542 19.22 -13.01 -7.64
N GLU A 543 19.94 -14.12 -7.77
CA GLU A 543 20.89 -14.24 -8.86
C GLU A 543 20.07 -14.60 -10.10
N LEU A 544 20.09 -13.71 -11.09
CA LEU A 544 19.37 -13.92 -12.35
C LEU A 544 20.37 -14.17 -13.46
N ALA A 545 20.10 -15.15 -14.31
CA ALA A 545 20.99 -15.45 -15.44
C ALA A 545 20.24 -16.03 -16.64
N LYS B 6 -33.35 24.44 -5.48
CA LYS B 6 -32.85 24.25 -6.88
C LYS B 6 -31.85 23.10 -6.97
N SER B 7 -31.83 22.43 -8.13
CA SER B 7 -30.83 21.40 -8.44
C SER B 7 -29.67 22.02 -9.23
N PRO B 8 -28.42 21.64 -8.90
CA PRO B 8 -27.25 22.17 -9.62
C PRO B 8 -27.24 21.68 -11.05
N ALA B 9 -26.67 22.48 -11.94
CA ALA B 9 -26.56 22.08 -13.35
C ALA B 9 -25.54 20.94 -13.50
N LEU B 10 -24.47 20.98 -12.71
CA LEU B 10 -23.41 19.98 -12.85
C LEU B 10 -23.21 19.15 -11.60
N ASP B 11 -22.74 17.91 -11.77
CA ASP B 11 -22.30 17.11 -10.63
C ASP B 11 -21.06 17.77 -10.01
N ALA B 12 -20.15 18.25 -10.85
CA ALA B 12 -18.93 18.87 -10.34
C ALA B 12 -18.34 19.92 -11.27
N VAL B 13 -17.67 20.90 -10.67
CA VAL B 13 -16.78 21.81 -11.36
C VAL B 13 -15.37 21.52 -10.84
N VAL B 14 -14.44 21.40 -11.78
CA VAL B 14 -13.04 21.17 -11.48
C VAL B 14 -12.30 22.43 -11.90
N ILE B 15 -11.64 23.08 -10.95
CA ILE B 15 -10.85 24.29 -11.21
C ILE B 15 -9.39 23.96 -11.48
N GLY B 16 -8.99 24.12 -12.73
CA GLY B 16 -7.61 23.96 -13.17
C GLY B 16 -7.44 22.87 -14.20
N ALA B 17 -6.54 23.07 -15.17
CA ALA B 17 -6.28 22.10 -16.22
C ALA B 17 -4.82 21.62 -16.24
N GLY B 18 -4.20 21.57 -15.05
CA GLY B 18 -2.89 20.93 -14.92
C GLY B 18 -3.13 19.45 -14.91
N VAL B 19 -2.08 18.66 -14.73
CA VAL B 19 -2.22 17.20 -14.70
C VAL B 19 -3.28 16.70 -13.69
N THR B 20 -3.37 17.35 -12.53
CA THR B 20 -4.33 16.95 -11.47
C THR B 20 -5.78 17.22 -11.89
N GLY B 21 -6.07 18.45 -12.30
CA GLY B 21 -7.41 18.82 -12.74
C GLY B 21 -7.91 18.03 -13.92
N ILE B 22 -7.12 17.93 -14.98
CA ILE B 22 -7.58 17.17 -16.15
C ILE B 22 -7.87 15.70 -15.83
N TYR B 23 -7.08 15.11 -14.93
CA TYR B 23 -7.30 13.72 -14.55
C TYR B 23 -8.61 13.56 -13.77
N GLN B 24 -8.83 14.45 -12.80
CA GLN B 24 -10.06 14.46 -12.02
C GLN B 24 -11.31 14.60 -12.91
N ALA B 25 -11.28 15.56 -13.83
CA ALA B 25 -12.37 15.83 -14.75
C ALA B 25 -12.64 14.59 -15.63
N PHE B 26 -11.58 14.03 -16.18
CA PHE B 26 -11.63 12.79 -16.96
C PHE B 26 -12.30 11.66 -16.17
N LEU B 27 -11.85 11.44 -14.93
CA LEU B 27 -12.42 10.39 -14.08
C LEU B 27 -13.93 10.54 -13.86
N ILE B 28 -14.35 11.75 -13.52
CA ILE B 28 -15.75 12.05 -13.21
C ILE B 28 -16.66 11.86 -14.41
N ASN B 29 -16.19 12.31 -15.58
CA ASN B 29 -16.96 12.09 -16.82
C ASN B 29 -16.99 10.62 -17.21
N GLN B 30 -15.86 9.93 -17.02
CA GLN B 30 -15.80 8.50 -17.31
C GLN B 30 -16.71 7.67 -16.40
N ALA B 31 -16.93 8.15 -15.18
CA ALA B 31 -17.87 7.53 -14.25
C ALA B 31 -19.33 7.82 -14.62
N GLY B 32 -19.55 8.66 -15.63
CA GLY B 32 -20.89 8.94 -16.11
C GLY B 32 -21.53 10.08 -15.34
N MET B 33 -20.72 11.03 -14.88
CA MET B 33 -21.24 12.20 -14.22
C MET B 33 -20.92 13.45 -15.03
N LYS B 34 -21.66 14.53 -14.78
CA LYS B 34 -21.51 15.78 -15.52
C LYS B 34 -20.53 16.74 -14.85
N VAL B 35 -19.40 16.96 -15.54
CA VAL B 35 -18.32 17.77 -15.03
C VAL B 35 -18.05 18.97 -15.95
N LEU B 36 -17.72 20.11 -15.36
CA LEU B 36 -17.21 21.25 -16.11
C LEU B 36 -15.83 21.61 -15.56
N GLY B 37 -14.83 21.63 -16.43
CA GLY B 37 -13.51 22.17 -16.07
C GLY B 37 -13.43 23.66 -16.36
N ILE B 38 -12.68 24.39 -15.53
CA ILE B 38 -12.42 25.82 -15.72
C ILE B 38 -10.90 26.03 -15.62
N GLU B 39 -10.36 26.85 -16.53
CA GLU B 39 -8.91 27.07 -16.63
C GLU B 39 -8.62 28.49 -17.12
N ALA B 40 -7.82 29.21 -16.34
CA ALA B 40 -7.43 30.60 -16.63
C ALA B 40 -6.66 30.73 -17.94
N GLY B 41 -5.86 29.72 -18.23
CA GLY B 41 -5.05 29.69 -19.43
C GLY B 41 -5.82 29.25 -20.68
N GLU B 42 -5.10 29.26 -21.79
CA GLU B 42 -5.54 28.86 -23.14
C GLU B 42 -5.83 27.39 -23.33
N ASP B 43 -5.04 26.58 -22.66
CA ASP B 43 -5.01 25.15 -22.91
C ASP B 43 -4.51 24.44 -21.65
N VAL B 44 -4.25 23.13 -21.76
CA VAL B 44 -3.91 22.27 -20.62
C VAL B 44 -2.41 22.34 -20.31
N GLY B 45 -2.03 21.94 -19.10
CA GLY B 45 -0.63 21.77 -18.75
C GLY B 45 -0.30 22.23 -17.35
N GLY B 46 -1.00 23.27 -16.90
CA GLY B 46 -0.73 23.87 -15.60
C GLY B 46 0.71 24.36 -15.52
N THR B 47 1.45 23.84 -14.56
CA THR B 47 2.89 24.07 -14.46
C THR B 47 3.57 24.11 -15.84
N TRP B 48 3.35 23.06 -16.61
CA TRP B 48 4.01 22.85 -17.89
C TRP B 48 3.54 23.78 -19.02
N TYR B 49 2.44 24.48 -18.77
CA TYR B 49 1.92 25.55 -19.65
C TYR B 49 2.47 26.94 -19.27
N TRP B 50 2.45 27.25 -17.98
CA TRP B 50 2.80 28.59 -17.49
C TRP B 50 4.31 28.83 -17.41
N ASN B 51 5.07 27.78 -17.12
CA ASN B 51 6.51 27.92 -16.94
C ASN B 51 7.23 27.66 -18.24
N ARG B 52 7.81 28.72 -18.81
CA ARG B 52 8.46 28.65 -20.11
C ARG B 52 9.90 29.15 -20.07
N TYR B 53 10.48 29.32 -18.88
CA TYR B 53 11.84 29.87 -18.73
C TYR B 53 12.88 28.86 -19.19
N PRO B 54 14.07 29.33 -19.64
CA PRO B 54 15.07 28.38 -20.13
C PRO B 54 15.62 27.49 -19.03
N GLY B 55 15.76 26.21 -19.36
CA GLY B 55 16.23 25.22 -18.41
C GLY B 55 15.17 24.59 -17.52
N CYS B 56 13.90 25.00 -17.66
CA CYS B 56 12.78 24.37 -16.92
C CYS B 56 12.68 22.87 -17.21
N ARG B 57 12.58 22.06 -16.17
CA ARG B 57 12.78 20.61 -16.33
C ARG B 57 12.28 19.88 -15.07
N LEU B 58 11.93 18.59 -15.20
CA LEU B 58 11.51 17.75 -14.07
C LEU B 58 12.64 17.50 -13.07
N ASP B 59 12.29 17.35 -11.79
CA ASP B 59 13.20 16.71 -10.83
C ASP B 59 12.88 15.21 -10.58
N THR B 60 11.76 14.74 -11.13
CA THR B 60 11.31 13.36 -10.99
C THR B 60 11.58 12.65 -12.31
N GLU B 61 12.10 11.42 -12.24
CA GLU B 61 12.35 10.62 -13.41
C GLU B 61 11.13 10.64 -14.31
N SER B 62 11.33 10.97 -15.57
CA SER B 62 10.21 11.08 -16.53
C SER B 62 9.23 9.92 -16.45
N TYR B 63 9.75 8.71 -16.45
CA TYR B 63 8.86 7.54 -16.52
C TYR B 63 8.03 7.41 -15.25
N ALA B 64 8.56 7.89 -14.12
CA ALA B 64 7.85 7.82 -12.84
C ALA B 64 6.84 8.95 -12.63
N TYR B 65 7.10 10.11 -13.22
CA TYR B 65 6.12 11.21 -13.21
C TYR B 65 4.93 10.93 -14.15
N GLY B 66 5.21 10.26 -15.27
CA GLY B 66 4.21 10.03 -16.32
C GLY B 66 3.19 8.98 -15.92
N TYR B 67 2.36 9.33 -14.94
CA TYR B 67 1.27 8.44 -14.47
C TYR B 67 0.29 8.08 -15.62
N PHE B 68 0.07 9.02 -16.53
CA PHE B 68 -0.84 8.79 -17.65
C PHE B 68 -0.33 7.68 -18.58
N ALA B 69 0.99 7.56 -18.72
CA ALA B 69 1.58 6.43 -19.42
C ALA B 69 1.53 5.13 -18.59
N LEU B 70 1.92 5.22 -17.31
CA LEU B 70 1.82 4.08 -16.37
C LEU B 70 0.42 3.48 -16.27
N LYS B 71 -0.60 4.34 -16.22
CA LYS B 71 -1.99 3.90 -16.10
C LYS B 71 -2.66 3.45 -17.41
N GLY B 72 -1.94 3.50 -18.52
CA GLY B 72 -2.50 2.99 -19.78
C GLY B 72 -3.38 3.98 -20.51
N ILE B 73 -3.30 5.25 -20.16
CA ILE B 73 -4.02 6.28 -20.93
C ILE B 73 -3.26 6.61 -22.21
N ILE B 74 -1.94 6.84 -22.09
CA ILE B 74 -1.06 6.95 -23.25
C ILE B 74 0.11 6.00 -23.06
N PRO B 75 -0.16 4.68 -23.10
CA PRO B 75 0.84 3.67 -22.75
C PRO B 75 2.00 3.63 -23.76
N GLU B 76 1.79 4.23 -24.93
CA GLU B 76 2.76 4.19 -26.03
C GLU B 76 3.72 5.41 -26.04
N TRP B 77 3.48 6.36 -25.14
CA TRP B 77 4.32 7.54 -24.99
C TRP B 77 5.85 7.23 -24.89
N GLU B 78 6.68 8.06 -25.54
CA GLU B 78 8.13 7.89 -25.48
C GLU B 78 8.82 9.11 -24.89
N TRP B 79 9.51 8.88 -23.78
CA TRP B 79 10.32 9.93 -23.15
C TRP B 79 11.63 10.07 -23.93
N SER B 80 12.04 11.30 -24.24
CA SER B 80 13.29 11.48 -24.97
C SER B 80 14.51 11.71 -24.06
N GLU B 81 14.26 12.00 -22.78
CA GLU B 81 15.32 12.21 -21.76
C GLU B 81 14.85 11.67 -20.41
N ASN B 82 15.80 11.41 -19.52
CA ASN B 82 15.49 10.86 -18.22
C ASN B 82 14.75 11.84 -17.29
N PHE B 83 14.95 13.15 -17.51
CA PHE B 83 14.22 14.18 -16.80
C PHE B 83 13.74 15.19 -17.84
N ALA B 84 12.46 15.10 -18.20
CA ALA B 84 11.93 15.81 -19.37
C ALA B 84 11.95 17.31 -19.17
N SER B 85 12.29 18.02 -20.25
CA SER B 85 12.23 19.47 -20.31
C SER B 85 10.77 19.90 -20.31
N GLN B 86 10.49 21.15 -19.95
CA GLN B 86 9.12 21.68 -19.99
C GLN B 86 8.39 21.50 -21.36
N PRO B 87 9.08 21.80 -22.50
CA PRO B 87 8.39 21.56 -23.79
C PRO B 87 7.94 20.10 -24.02
N GLU B 88 8.78 19.14 -23.67
CA GLU B 88 8.38 17.73 -23.72
C GLU B 88 7.21 17.39 -22.76
N MET B 89 7.27 17.89 -21.52
CA MET B 89 6.16 17.78 -20.56
C MET B 89 4.83 18.35 -21.07
N LEU B 90 4.88 19.55 -21.68
CA LEU B 90 3.67 20.12 -22.25
C LEU B 90 3.10 19.24 -23.38
N ARG B 91 3.98 18.62 -24.17
CA ARG B 91 3.52 17.67 -25.20
C ARG B 91 2.93 16.41 -24.56
N TYR B 92 3.56 15.97 -23.48
CA TYR B 92 3.02 14.87 -22.69
C TYR B 92 1.59 15.16 -22.25
N VAL B 93 1.36 16.34 -21.67
CA VAL B 93 0.07 16.66 -21.11
C VAL B 93 -0.97 16.83 -22.21
N ASN B 94 -0.56 17.45 -23.32
CA ASN B 94 -1.41 17.59 -24.51
C ASN B 94 -1.85 16.27 -25.11
N ARG B 95 -0.91 15.34 -25.27
CA ARG B 95 -1.19 13.98 -25.74
C ARG B 95 -2.12 13.25 -24.79
N ALA B 96 -1.87 13.37 -23.49
CA ALA B 96 -2.77 12.77 -22.50
C ALA B 96 -4.18 13.33 -22.59
N ALA B 97 -4.30 14.66 -22.65
CA ALA B 97 -5.57 15.35 -22.76
C ALA B 97 -6.31 14.96 -24.05
N ASP B 98 -5.57 14.81 -25.15
CA ASP B 98 -6.13 14.32 -26.41
C ASP B 98 -6.78 12.97 -26.19
N ALA B 99 -5.98 12.03 -25.69
CA ALA B 99 -6.43 10.66 -25.42
C ALA B 99 -7.60 10.59 -24.42
N MET B 100 -7.65 11.53 -23.47
CA MET B 100 -8.73 11.62 -22.48
C MET B 100 -9.99 12.28 -23.04
N ASP B 101 -9.85 12.97 -24.17
CA ASP B 101 -10.94 13.72 -24.81
C ASP B 101 -11.56 14.69 -23.81
N VAL B 102 -10.69 15.26 -22.99
CA VAL B 102 -11.12 16.01 -21.81
C VAL B 102 -11.32 17.51 -22.09
N ARG B 103 -10.68 18.02 -23.14
CA ARG B 103 -10.78 19.47 -23.40
C ARG B 103 -12.21 19.92 -23.68
N LYS B 104 -13.00 19.08 -24.34
CA LYS B 104 -14.41 19.41 -24.56
C LYS B 104 -15.21 19.75 -23.29
N HIS B 105 -14.76 19.26 -22.11
CA HIS B 105 -15.43 19.61 -20.84
C HIS B 105 -14.94 20.91 -20.18
N TYR B 106 -13.96 21.58 -20.80
CA TYR B 106 -13.33 22.75 -20.15
C TYR B 106 -13.77 24.10 -20.73
N ARG B 107 -13.92 25.10 -19.85
CA ARG B 107 -13.91 26.51 -20.23
C ARG B 107 -12.48 27.06 -20.03
N PHE B 108 -11.86 27.46 -21.13
CA PHE B 108 -10.51 28.03 -21.09
C PHE B 108 -10.60 29.53 -21.05
N ASN B 109 -9.44 30.17 -20.89
CA ASN B 109 -9.37 31.62 -20.79
C ASN B 109 -10.37 32.17 -19.79
N THR B 110 -10.60 31.39 -18.72
CA THR B 110 -11.69 31.64 -17.78
C THR B 110 -11.18 31.55 -16.35
N ARG B 111 -11.39 32.60 -15.57
CA ARG B 111 -10.93 32.63 -14.21
C ARG B 111 -12.06 32.59 -13.18
N VAL B 112 -12.08 31.54 -12.35
CA VAL B 112 -12.98 31.54 -11.20
C VAL B 112 -12.53 32.68 -10.29
N THR B 113 -13.45 33.61 -10.04
CA THR B 113 -13.16 34.72 -9.15
C THR B 113 -13.75 34.50 -7.76
N ALA B 114 -14.87 33.77 -7.70
CA ALA B 114 -15.53 33.48 -6.44
C ALA B 114 -16.30 32.18 -6.48
N ALA B 115 -16.54 31.62 -5.30
CA ALA B 115 -17.34 30.42 -5.14
C ALA B 115 -18.03 30.53 -3.80
N ARG B 116 -19.35 30.36 -3.83
CA ARG B 116 -20.19 30.54 -2.65
C ARG B 116 -21.05 29.30 -2.44
N TYR B 117 -21.06 28.80 -1.22
CA TYR B 117 -21.89 27.65 -0.88
C TYR B 117 -23.32 28.15 -0.58
N VAL B 118 -24.29 27.60 -1.29
CA VAL B 118 -25.71 27.94 -1.06
C VAL B 118 -26.29 26.88 -0.13
N GLU B 119 -26.47 27.23 1.15
CA GLU B 119 -26.87 26.29 2.20
C GLU B 119 -28.26 25.67 1.97
N ASN B 120 -29.19 26.46 1.43
CA ASN B 120 -30.56 25.98 1.22
C ASN B 120 -30.63 24.90 0.15
N ASP B 121 -29.62 24.86 -0.73
CA ASP B 121 -29.68 24.05 -1.95
C ASP B 121 -28.57 23.00 -2.06
N ARG B 122 -27.64 22.99 -1.10
CA ARG B 122 -26.52 22.01 -1.11
C ARG B 122 -25.74 22.01 -2.43
N LEU B 123 -25.42 23.21 -2.91
CA LEU B 123 -24.62 23.35 -4.12
C LEU B 123 -23.69 24.56 -4.04
N TRP B 124 -22.73 24.62 -4.96
CA TRP B 124 -21.81 25.76 -5.05
C TRP B 124 -22.20 26.63 -6.23
N GLU B 125 -22.29 27.94 -5.97
CA GLU B 125 -22.37 28.93 -7.05
C GLU B 125 -20.96 29.39 -7.38
N VAL B 126 -20.52 29.10 -8.60
CA VAL B 126 -19.16 29.40 -9.05
C VAL B 126 -19.15 30.61 -10.02
N THR B 127 -18.55 31.71 -9.60
CA THR B 127 -18.51 32.93 -10.39
C THR B 127 -17.27 33.01 -11.28
N LEU B 128 -17.51 33.08 -12.59
CA LEU B 128 -16.46 33.18 -13.59
C LEU B 128 -16.20 34.65 -13.92
N ASP B 129 -14.93 35.02 -13.98
CA ASP B 129 -14.50 36.37 -14.36
C ASP B 129 -15.52 37.41 -13.92
N ASN B 130 -15.92 37.29 -12.65
CA ASN B 130 -16.87 38.18 -11.97
C ASN B 130 -18.19 38.44 -12.71
N GLU B 131 -18.56 37.53 -13.62
CA GLU B 131 -19.77 37.71 -14.42
C GLU B 131 -20.72 36.48 -14.34
N GLU B 132 -20.44 35.45 -15.13
CA GLU B 132 -21.32 34.28 -15.26
C GLU B 132 -21.23 33.35 -14.04
N VAL B 133 -22.39 32.83 -13.62
CA VAL B 133 -22.48 31.91 -12.49
C VAL B 133 -22.86 30.51 -12.97
N VAL B 134 -22.03 29.53 -12.63
CA VAL B 134 -22.34 28.11 -12.85
C VAL B 134 -22.59 27.42 -11.50
N THR B 135 -23.49 26.42 -11.49
CA THR B 135 -23.78 25.67 -10.26
C THR B 135 -23.35 24.21 -10.34
N CYS B 136 -22.87 23.68 -9.21
CA CYS B 136 -22.42 22.29 -9.14
C CYS B 136 -22.70 21.73 -7.76
N ARG B 137 -22.86 20.42 -7.69
CA ARG B 137 -23.04 19.78 -6.40
C ARG B 137 -21.72 19.86 -5.64
N PHE B 138 -20.63 19.51 -6.33
CA PHE B 138 -19.31 19.43 -5.73
C PHE B 138 -18.34 20.37 -6.42
N LEU B 139 -17.56 21.09 -5.63
CA LEU B 139 -16.49 21.94 -6.17
C LEU B 139 -15.17 21.28 -5.85
N ILE B 140 -14.34 21.07 -6.86
CA ILE B 140 -13.05 20.42 -6.68
C ILE B 140 -11.95 21.37 -7.14
N SER B 141 -11.14 21.82 -6.20
CA SER B 141 -10.03 22.69 -6.57
C SER B 141 -8.83 21.86 -6.93
N ALA B 142 -8.30 22.14 -8.13
CA ALA B 142 -6.99 21.63 -8.51
C ALA B 142 -6.18 22.84 -9.00
N THR B 143 -6.08 23.85 -8.15
CA THR B 143 -5.57 25.15 -8.57
C THR B 143 -4.06 25.28 -8.42
N GLY B 144 -3.40 24.19 -8.03
CA GLY B 144 -1.95 24.16 -7.99
C GLY B 144 -1.34 24.14 -6.60
N PRO B 145 -0.33 23.29 -6.39
CA PRO B 145 0.36 23.20 -5.10
C PRO B 145 1.27 24.40 -4.80
N LEU B 146 1.57 25.22 -5.80
CA LEU B 146 2.42 26.41 -5.63
C LEU B 146 1.70 27.61 -6.21
N SER B 147 1.82 28.77 -5.58
CA SER B 147 1.27 30.00 -6.17
C SER B 147 2.38 30.88 -6.71
N ALA B 148 2.07 31.61 -7.79
CA ALA B 148 2.88 32.73 -8.28
C ALA B 148 4.34 32.38 -8.59
N PRO B 152 8.31 40.24 -6.81
CA PRO B 152 9.44 40.76 -6.01
C PRO B 152 9.26 42.23 -5.68
N ASP B 153 9.36 42.57 -4.39
CA ASP B 153 9.09 43.93 -3.95
C ASP B 153 10.39 44.72 -3.87
N ILE B 154 10.74 45.32 -5.00
CA ILE B 154 11.95 46.11 -5.14
C ILE B 154 11.52 47.45 -5.68
N LYS B 155 12.05 48.53 -5.11
CA LYS B 155 11.77 49.86 -5.63
C LYS B 155 12.34 50.02 -7.05
N GLY B 156 11.53 50.58 -7.95
CA GLY B 156 12.02 51.00 -9.26
C GLY B 156 12.11 49.98 -10.36
N ILE B 157 11.47 48.82 -10.19
CA ILE B 157 11.45 47.77 -11.21
C ILE B 157 11.03 48.28 -12.60
N ASP B 158 9.95 49.06 -12.64
CA ASP B 158 9.43 49.63 -13.87
C ASP B 158 10.34 50.72 -14.46
N SER B 159 11.38 51.10 -13.73
CA SER B 159 12.28 52.15 -14.19
C SER B 159 13.44 51.64 -15.07
N PHE B 160 13.71 50.33 -15.07
CA PHE B 160 14.82 49.76 -15.86
C PHE B 160 14.57 49.94 -17.36
N LYS B 161 15.60 50.34 -18.11
CA LYS B 161 15.45 50.55 -19.55
C LYS B 161 15.82 49.34 -20.38
N GLY B 162 16.54 48.38 -19.79
CA GLY B 162 16.87 47.13 -20.48
C GLY B 162 15.69 46.18 -20.56
N GLU B 163 16.00 44.91 -20.78
CA GLU B 163 14.98 43.88 -20.88
C GLU B 163 14.79 43.27 -19.50
N SER B 164 13.54 43.16 -19.08
CA SER B 164 13.19 42.46 -17.84
C SER B 164 12.54 41.14 -18.20
N PHE B 165 12.99 40.06 -17.56
CA PHE B 165 12.36 38.75 -17.70
C PHE B 165 11.90 38.27 -16.34
N HIS B 166 10.66 37.81 -16.27
CA HIS B 166 10.13 37.20 -15.07
C HIS B 166 9.99 35.68 -15.35
N SER B 167 10.64 34.85 -14.54
CA SER B 167 10.63 33.38 -14.74
C SER B 167 9.20 32.78 -14.82
N SER B 168 8.29 33.31 -14.01
CA SER B 168 6.89 32.84 -13.99
C SER B 168 6.08 33.21 -15.26
N ARG B 169 6.58 34.16 -16.05
CA ARG B 169 5.95 34.53 -17.31
C ARG B 169 6.97 34.93 -18.36
N TRP B 170 7.85 33.98 -18.67
CA TRP B 170 8.84 34.16 -19.72
C TRP B 170 8.13 34.29 -21.07
N PRO B 171 8.47 35.34 -21.85
CA PRO B 171 7.87 35.53 -23.18
C PRO B 171 8.24 34.38 -24.13
N THR B 172 7.30 34.02 -25.01
CA THR B 172 7.50 32.92 -25.94
C THR B 172 7.39 33.37 -27.38
N ASP B 173 8.07 32.66 -28.27
CA ASP B 173 7.93 32.87 -29.71
C ASP B 173 6.63 32.22 -30.21
N ALA B 174 6.48 32.11 -31.53
CA ALA B 174 5.32 31.45 -32.13
C ALA B 174 5.27 29.93 -31.87
N GLU B 175 6.43 29.27 -31.87
CA GLU B 175 6.49 27.83 -31.55
C GLU B 175 6.48 27.59 -30.03
N GLY B 176 6.23 28.66 -29.27
CA GLY B 176 6.02 28.56 -27.83
C GLY B 176 7.25 28.26 -26.98
N ALA B 177 8.43 28.48 -27.56
CA ALA B 177 9.71 28.32 -26.86
C ALA B 177 10.14 29.65 -26.27
N PRO B 178 10.94 29.63 -25.19
CA PRO B 178 11.42 30.89 -24.60
C PRO B 178 12.07 31.80 -25.65
N LYS B 179 11.67 33.07 -25.62
CA LYS B 179 12.28 34.12 -26.43
C LYS B 179 13.43 34.76 -25.66
N GLY B 180 14.41 35.30 -26.40
CA GLY B 180 15.43 36.17 -25.83
C GLY B 180 16.45 35.51 -24.91
N VAL B 181 16.72 34.24 -25.19
CA VAL B 181 17.63 33.42 -24.40
C VAL B 181 19.09 33.50 -24.88
N ASP B 182 19.33 34.31 -25.91
CA ASP B 182 20.68 34.59 -26.39
C ASP B 182 21.11 35.92 -25.77
N PHE B 183 22.07 35.87 -24.84
CA PHE B 183 22.50 37.08 -24.13
C PHE B 183 23.85 37.61 -24.66
N THR B 184 24.21 37.20 -25.87
CA THR B 184 25.49 37.62 -26.46
C THR B 184 25.60 39.14 -26.41
N GLY B 185 26.72 39.62 -25.88
CA GLY B 185 26.99 41.04 -25.81
C GLY B 185 26.25 41.78 -24.73
N LYS B 186 25.48 41.06 -23.91
CA LYS B 186 24.69 41.66 -22.82
C LYS B 186 25.21 41.34 -21.43
N ARG B 187 25.14 42.34 -20.56
CA ARG B 187 25.43 42.19 -19.14
C ARG B 187 24.10 41.84 -18.47
N VAL B 188 24.06 40.67 -17.82
CA VAL B 188 22.82 40.08 -17.30
C VAL B 188 22.86 39.97 -15.78
N GLY B 189 21.79 40.40 -15.11
CA GLY B 189 21.64 40.15 -13.68
C GLY B 189 20.53 39.13 -13.45
N VAL B 190 20.80 38.15 -12.58
CA VAL B 190 19.77 37.21 -12.16
C VAL B 190 19.55 37.40 -10.66
N ILE B 191 18.31 37.70 -10.30
CA ILE B 191 17.97 37.86 -8.90
C ILE B 191 17.28 36.58 -8.46
N GLY B 192 17.95 35.80 -7.60
CA GLY B 192 17.39 34.59 -7.01
C GLY B 192 18.07 33.31 -7.45
N THR B 193 18.33 32.42 -6.48
CA THR B 193 18.95 31.12 -6.74
C THR B 193 18.17 29.94 -6.13
N GLY B 194 16.85 30.05 -6.13
CA GLY B 194 16.01 28.88 -5.88
C GLY B 194 15.97 27.98 -7.11
N ALA B 195 14.96 27.13 -7.19
CA ALA B 195 14.85 26.14 -8.26
C ALA B 195 14.97 26.74 -9.66
N THR B 196 14.27 27.85 -9.91
CA THR B 196 14.25 28.41 -11.26
C THR B 196 15.59 29.06 -11.58
N GLY B 197 16.12 29.85 -10.64
CA GLY B 197 17.43 30.46 -10.81
C GLY B 197 18.52 29.47 -11.13
N VAL B 198 18.57 28.36 -10.39
CA VAL B 198 19.63 27.40 -10.65
C VAL B 198 19.48 26.69 -11.99
N GLN B 199 18.25 26.67 -12.54
CA GLN B 199 18.03 26.15 -13.91
C GLN B 199 18.39 27.17 -14.99
N ILE B 200 18.07 28.43 -14.74
CA ILE B 200 18.37 29.53 -15.67
C ILE B 200 19.84 29.94 -15.72
N ILE B 201 20.51 30.03 -14.56
CA ILE B 201 21.85 30.60 -14.47
C ILE B 201 22.89 29.95 -15.40
N PRO B 202 23.06 28.60 -15.34
CA PRO B 202 24.09 28.01 -16.21
C PRO B 202 23.83 28.22 -17.69
N ILE B 203 22.55 28.24 -18.08
CA ILE B 203 22.15 28.54 -19.45
C ILE B 203 22.45 30.00 -19.83
N ALA B 204 22.01 30.96 -19.01
CA ALA B 204 22.35 32.38 -19.26
C ALA B 204 23.85 32.62 -19.45
N ALA B 205 24.67 31.94 -18.65
CA ALA B 205 26.12 32.08 -18.70
C ALA B 205 26.76 31.58 -19.98
N GLU B 206 26.06 30.72 -20.72
CA GLU B 206 26.58 30.20 -21.99
C GLU B 206 26.81 31.30 -23.02
N THR B 207 26.05 32.40 -22.92
CA THR B 207 26.14 33.46 -23.91
C THR B 207 26.40 34.85 -23.32
N ALA B 208 26.04 35.07 -22.05
CA ALA B 208 26.13 36.43 -21.46
C ALA B 208 27.55 36.99 -21.56
N LYS B 209 27.65 38.28 -21.80
CA LYS B 209 28.94 38.98 -21.82
C LYS B 209 29.48 38.97 -20.39
N GLU B 210 28.57 39.24 -19.45
CA GLU B 210 28.88 39.23 -18.03
C GLU B 210 27.61 38.81 -17.30
N LEU B 211 27.75 37.97 -16.27
CA LEU B 211 26.59 37.52 -15.49
C LEU B 211 26.75 37.84 -13.99
N TYR B 212 25.77 38.56 -13.44
CA TYR B 212 25.74 38.85 -12.00
C TYR B 212 24.60 38.10 -11.35
N VAL B 213 24.92 37.32 -10.33
CA VAL B 213 23.90 36.59 -9.59
C VAL B 213 23.69 37.26 -8.24
N PHE B 214 22.47 37.72 -8.00
CA PHE B 214 22.11 38.39 -6.78
C PHE B 214 21.42 37.38 -5.88
N GLN B 215 22.14 36.95 -4.84
CA GLN B 215 21.71 35.87 -3.97
C GLN B 215 21.68 36.35 -2.52
N ARG B 216 20.56 36.18 -1.83
CA ARG B 216 20.54 36.51 -0.39
C ARG B 216 21.23 35.41 0.40
N THR B 217 20.63 34.21 0.41
CA THR B 217 21.26 33.04 1.01
C THR B 217 21.15 31.86 0.07
N PRO B 218 22.13 30.94 0.08
CA PRO B 218 22.05 29.76 -0.80
C PRO B 218 21.07 28.66 -0.36
N ASN B 219 20.57 27.92 -1.35
CA ASN B 219 19.92 26.62 -1.13
C ASN B 219 20.90 25.47 -1.28
N TRP B 220 20.55 24.32 -0.70
CA TRP B 220 21.22 23.08 -1.06
C TRP B 220 20.73 22.67 -2.44
N CYS B 221 21.66 22.37 -3.35
CA CYS B 221 21.34 21.81 -4.67
C CYS B 221 22.19 20.57 -4.90
N THR B 222 21.67 19.65 -5.72
CA THR B 222 22.47 18.48 -6.12
C THR B 222 22.40 18.23 -7.64
N PRO B 223 23.40 17.54 -8.20
CA PRO B 223 23.41 17.33 -9.65
C PRO B 223 22.25 16.45 -10.07
N LEU B 224 21.57 16.83 -11.14
CA LEU B 224 20.47 16.04 -11.69
C LEU B 224 20.99 14.78 -12.40
N GLY B 225 22.09 14.92 -13.15
CA GLY B 225 22.67 13.81 -13.90
C GLY B 225 21.81 13.38 -15.08
N ASN B 226 21.18 14.34 -15.74
CA ASN B 226 20.25 14.07 -16.83
C ASN B 226 20.99 13.55 -18.07
N SER B 227 20.30 12.75 -18.89
CA SER B 227 20.84 12.27 -20.16
C SER B 227 19.72 11.82 -21.11
N PRO B 228 20.01 11.69 -22.42
CA PRO B 228 18.99 11.18 -23.31
C PRO B 228 18.59 9.76 -22.95
N MET B 229 17.34 9.45 -23.27
CA MET B 229 16.76 8.15 -23.07
C MET B 229 16.87 7.39 -24.39
N SER B 230 17.54 6.25 -24.39
CA SER B 230 17.62 5.45 -25.61
C SER B 230 16.28 4.71 -25.83
N LYS B 231 16.00 4.33 -27.07
CA LYS B 231 14.86 3.47 -27.37
C LYS B 231 14.94 2.20 -26.53
N GLU B 232 16.13 1.57 -26.48
CA GLU B 232 16.35 0.34 -25.71
C GLU B 232 15.83 0.49 -24.27
N LYS B 233 16.25 1.55 -23.59
CA LYS B 233 15.84 1.82 -22.21
C LYS B 233 14.33 2.11 -22.09
N MET B 234 13.80 2.95 -22.98
CA MET B 234 12.38 3.29 -23.00
C MET B 234 11.52 2.02 -23.12
N ASP B 235 11.89 1.13 -24.03
CA ASP B 235 11.15 -0.12 -24.23
C ASP B 235 11.20 -1.01 -22.99
N SER B 236 12.38 -1.14 -22.39
CA SER B 236 12.52 -1.96 -21.20
C SER B 236 11.71 -1.36 -20.06
N LEU B 237 11.70 -0.03 -19.94
CA LEU B 237 10.82 0.66 -18.96
C LEU B 237 9.34 0.35 -19.19
N ARG B 238 8.89 0.53 -20.42
CA ARG B 238 7.49 0.25 -20.74
C ARG B 238 7.09 -1.17 -20.35
N ASN B 239 7.97 -2.13 -20.64
CA ASN B 239 7.71 -3.53 -20.30
C ASN B 239 7.54 -3.77 -18.80
N ARG B 240 8.24 -2.99 -17.97
CA ARG B 240 8.09 -3.15 -16.51
C ARG B 240 7.19 -2.11 -15.84
N TYR B 241 6.37 -1.44 -16.64
CA TYR B 241 5.40 -0.49 -16.13
C TYR B 241 4.52 -1.07 -15.00
N PRO B 242 4.02 -2.33 -15.13
CA PRO B 242 3.25 -2.89 -13.99
C PRO B 242 4.00 -2.90 -12.66
N THR B 243 5.29 -3.23 -12.72
CA THR B 243 6.14 -3.24 -11.54
C THR B 243 6.44 -1.80 -11.06
N ILE B 244 6.75 -0.92 -12.01
CA ILE B 244 7.12 0.45 -11.70
C ILE B 244 5.93 1.15 -10.99
N LEU B 245 4.73 0.92 -11.50
CA LEU B 245 3.54 1.47 -10.89
C LEU B 245 3.37 0.98 -9.45
N GLU B 246 3.51 -0.32 -9.24
CA GLU B 246 3.35 -0.87 -7.90
C GLU B 246 4.39 -0.28 -6.95
N TYR B 247 5.61 -0.11 -7.46
CA TYR B 247 6.70 0.41 -6.64
C TYR B 247 6.44 1.87 -6.27
N VAL B 248 6.14 2.72 -7.25
CA VAL B 248 5.86 4.12 -6.90
C VAL B 248 4.59 4.31 -6.06
N LYS B 249 3.64 3.37 -6.13
CA LYS B 249 2.48 3.41 -5.24
C LYS B 249 2.80 3.04 -3.79
N SER B 250 3.98 2.44 -3.57
CA SER B 250 4.34 1.97 -2.23
C SER B 250 5.50 2.70 -1.56
N THR B 251 6.19 3.57 -2.29
CA THR B 251 7.27 4.34 -1.66
C THR B 251 6.69 5.54 -0.93
N ASP B 252 7.44 6.09 0.01
CA ASP B 252 6.94 7.18 0.83
C ASP B 252 6.57 8.43 0.06
N THR B 253 7.33 8.74 -0.99
CA THR B 253 7.12 9.97 -1.79
C THR B 253 6.50 9.72 -3.19
N ALA B 254 6.38 8.46 -3.63
CA ALA B 254 5.98 8.15 -5.02
C ALA B 254 7.05 8.44 -6.08
N PHE B 255 8.22 8.93 -5.63
CA PHE B 255 9.46 8.84 -6.42
C PHE B 255 9.93 7.38 -6.44
N PRO B 256 10.74 6.98 -7.45
CA PRO B 256 11.25 5.60 -7.48
C PRO B 256 12.49 5.39 -6.61
N TYR B 257 12.35 5.76 -5.33
CA TYR B 257 13.40 5.61 -4.35
C TYR B 257 12.82 5.25 -2.98
N HIS B 258 13.56 4.48 -2.20
CA HIS B 258 13.19 4.26 -0.80
C HIS B 258 14.43 4.39 0.09
N ARG B 259 14.23 4.82 1.33
CA ARG B 259 15.33 5.05 2.28
C ARG B 259 16.18 3.81 2.55
N ASP B 260 17.45 4.01 2.86
CA ASP B 260 18.27 2.93 3.37
C ASP B 260 17.71 2.61 4.77
N PRO B 261 17.60 1.31 5.13
CA PRO B 261 17.04 0.93 6.44
C PRO B 261 17.93 1.31 7.65
N ARG B 262 19.19 1.61 7.39
CA ARG B 262 20.15 1.91 8.45
C ARG B 262 20.08 3.37 8.85
N LYS B 263 20.42 3.66 10.11
CA LYS B 263 20.63 5.04 10.56
C LYS B 263 22.04 5.48 10.21
N GLY B 264 22.19 6.75 9.85
CA GLY B 264 23.50 7.29 9.50
C GLY B 264 24.55 7.08 10.56
N THR B 265 24.16 7.29 11.81
CA THR B 265 25.07 7.14 12.96
C THR B 265 25.48 5.68 13.18
N ASP B 266 24.80 4.75 12.52
CA ASP B 266 25.15 3.34 12.64
C ASP B 266 26.15 2.87 11.60
N VAL B 267 26.54 3.79 10.71
CA VAL B 267 27.47 3.43 9.65
C VAL B 267 28.74 4.24 9.84
N SER B 268 29.88 3.59 9.63
CA SER B 268 31.17 4.22 9.82
C SER B 268 31.39 5.33 8.80
N GLU B 269 32.22 6.30 9.18
CA GLU B 269 32.56 7.44 8.33
C GLU B 269 33.08 7.09 6.93
N SER B 270 33.98 6.11 6.82
CA SER B 270 34.49 5.69 5.50
C SER B 270 33.39 5.08 4.61
N GLU B 271 32.59 4.18 5.18
CA GLU B 271 31.39 3.63 4.53
C GLU B 271 30.41 4.72 4.09
N ARG B 272 30.04 5.61 5.02
CA ARG B 272 29.15 6.74 4.74
C ARG B 272 29.63 7.58 3.57
N ASP B 273 30.89 8.00 3.62
CA ASP B 273 31.47 8.81 2.54
CA ASP B 273 31.47 8.80 2.55
C ASP B 273 31.35 8.10 1.19
N ALA B 274 31.70 6.82 1.16
CA ALA B 274 31.62 5.99 -0.04
C ALA B 274 30.17 5.85 -0.55
N PHE B 275 29.25 5.64 0.39
CA PHE B 275 27.82 5.54 0.10
C PHE B 275 27.32 6.84 -0.53
N PHE B 276 27.61 7.97 0.12
CA PHE B 276 27.30 9.30 -0.39
C PHE B 276 27.96 9.61 -1.76
N GLU B 277 29.22 9.20 -1.96
CA GLU B 277 29.90 9.52 -3.22
C GLU B 277 29.21 8.84 -4.41
N GLU B 278 28.81 7.59 -4.21
CA GLU B 278 28.07 6.81 -5.23
C GLU B 278 26.69 7.42 -5.56
N LEU B 279 25.93 7.76 -4.54
CA LEU B 279 24.63 8.38 -4.72
C LEU B 279 24.75 9.76 -5.38
N TYR B 280 25.75 10.54 -4.96
CA TYR B 280 25.97 11.87 -5.54
C TYR B 280 26.17 11.85 -7.07
N ARG B 281 26.74 10.76 -7.56
CA ARG B 281 27.10 10.62 -8.98
C ARG B 281 26.02 9.89 -9.77
N GLN B 282 24.94 9.51 -9.09
CA GLN B 282 23.83 8.77 -9.68
C GLN B 282 22.73 9.77 -10.05
N PRO B 283 22.20 9.68 -11.28
CA PRO B 283 21.18 10.62 -11.73
C PRO B 283 19.99 10.69 -10.77
N GLY B 284 19.42 11.89 -10.57
CA GLY B 284 18.19 12.03 -9.79
C GLY B 284 18.38 12.14 -8.29
N TYR B 285 17.31 11.90 -7.54
CA TYR B 285 17.24 12.28 -6.12
C TYR B 285 17.72 11.23 -5.12
N GLY B 286 18.39 10.18 -5.57
CA GLY B 286 18.84 9.12 -4.67
C GLY B 286 19.60 9.61 -3.46
N ILE B 287 20.47 10.60 -3.66
CA ILE B 287 21.30 11.15 -2.59
C ILE B 287 20.45 11.57 -1.41
N TRP B 288 19.19 11.90 -1.69
CA TRP B 288 18.27 12.34 -0.67
C TRP B 288 17.31 11.23 -0.29
N LEU B 289 16.60 10.69 -1.29
CA LEU B 289 15.50 9.76 -1.06
C LEU B 289 15.93 8.32 -0.79
N SER B 290 17.14 7.95 -1.19
CA SER B 290 17.68 6.62 -0.87
C SER B 290 18.64 6.66 0.32
N GLY B 291 18.70 7.81 0.99
CA GLY B 291 19.63 8.00 2.09
C GLY B 291 19.23 7.24 3.34
N PHE B 292 19.94 7.50 4.44
CA PHE B 292 19.67 6.83 5.69
C PHE B 292 18.30 7.19 6.25
N ARG B 293 17.69 6.28 7.00
CA ARG B 293 16.29 6.47 7.40
C ARG B 293 16.08 7.63 8.36
N ASP B 294 17.16 8.09 9.00
CA ASP B 294 17.06 9.17 9.99
C ASP B 294 17.52 10.57 9.53
N LEU B 295 17.74 10.74 8.22
CA LEU B 295 18.20 12.00 7.61
C LEU B 295 17.43 13.24 8.07
N LEU B 296 16.12 13.10 8.15
CA LEU B 296 15.27 14.21 8.60
C LEU B 296 14.76 14.02 10.03
N LEU B 297 15.36 13.08 10.77
CA LEU B 297 14.97 12.88 12.18
C LEU B 297 16.11 13.11 13.18
N ASN B 298 17.35 13.01 12.70
CA ASN B 298 18.54 13.14 13.55
C ASN B 298 19.53 14.16 12.99
N LYS B 299 19.82 15.19 13.78
CA LYS B 299 20.75 16.26 13.38
C LYS B 299 22.17 15.81 13.02
N GLU B 300 22.69 14.80 13.73
CA GLU B 300 24.05 14.30 13.48
C GLU B 300 24.03 13.58 12.13
N SER B 301 22.94 12.88 11.84
CA SER B 301 22.83 12.14 10.57
C SER B 301 22.68 13.08 9.39
N ASN B 302 21.85 14.09 9.54
CA ASN B 302 21.74 15.12 8.52
C ASN B 302 23.05 15.85 8.28
N LYS B 303 23.75 16.22 9.36
CA LYS B 303 25.04 16.92 9.28
C LYS B 303 26.07 16.14 8.47
N PHE B 304 26.09 14.82 8.63
CA PHE B 304 26.94 13.95 7.79
C PHE B 304 26.75 14.22 6.29
N LEU B 305 25.50 14.32 5.88
CA LEU B 305 25.20 14.51 4.47
C LEU B 305 25.45 15.95 4.06
N ALA B 306 25.04 16.91 4.87
CA ALA B 306 25.30 18.35 4.58
C ALA B 306 26.78 18.66 4.41
N ASP B 307 27.61 18.10 5.30
CA ASP B 307 29.07 18.21 5.21
C ASP B 307 29.62 17.57 3.94
N PHE B 308 29.04 16.44 3.56
CA PHE B 308 29.46 15.79 2.32
C PHE B 308 29.19 16.68 1.11
N VAL B 309 27.96 17.18 1.02
CA VAL B 309 27.54 17.97 -0.15
C VAL B 309 28.37 19.24 -0.24
N ALA B 310 28.66 19.82 0.91
CA ALA B 310 29.54 20.98 1.01
C ALA B 310 30.95 20.66 0.49
N LYS B 311 31.48 19.48 0.83
CA LYS B 311 32.77 19.03 0.30
C LYS B 311 32.72 18.94 -1.24
N LYS B 312 31.57 18.52 -1.77
CA LYS B 312 31.41 18.43 -3.23
C LYS B 312 31.36 19.83 -3.85
N ILE B 313 30.69 20.77 -3.20
CA ILE B 313 30.63 22.15 -3.71
C ILE B 313 32.02 22.81 -3.73
N ARG B 314 32.81 22.56 -2.70
CA ARG B 314 34.17 23.11 -2.62
C ARG B 314 35.08 22.51 -3.70
N GLN B 315 34.78 21.27 -4.10
CA GLN B 315 35.51 20.58 -5.16
C GLN B 315 35.14 21.17 -6.52
N ARG B 316 33.88 21.51 -6.69
CA ARG B 316 33.35 21.95 -7.99
C ARG B 316 33.59 23.44 -8.26
N VAL B 317 33.58 24.24 -7.19
CA VAL B 317 33.84 25.68 -7.28
C VAL B 317 35.29 25.96 -6.90
N LYS B 318 36.04 26.45 -7.86
CA LYS B 318 37.50 26.63 -7.71
C LYS B 318 37.90 27.66 -6.63
N ASP B 319 37.20 28.80 -6.61
CA ASP B 319 37.52 29.88 -5.67
C ASP B 319 36.81 29.63 -4.33
N PRO B 320 37.59 29.38 -3.24
CA PRO B 320 37.04 28.98 -1.93
C PRO B 320 36.13 30.02 -1.31
N VAL B 321 36.36 31.29 -1.61
CA VAL B 321 35.53 32.35 -1.05
C VAL B 321 34.14 32.31 -1.67
N VAL B 322 34.09 32.15 -2.99
CA VAL B 322 32.82 31.96 -3.68
C VAL B 322 32.13 30.66 -3.24
N ALA B 323 32.89 29.57 -3.17
CA ALA B 323 32.32 28.27 -2.79
C ALA B 323 31.54 28.39 -1.50
N GLU B 324 32.14 29.05 -0.51
CA GLU B 324 31.57 29.16 0.81
C GLU B 324 30.27 29.97 0.80
N LYS B 325 30.17 30.94 -0.10
CA LYS B 325 28.93 31.71 -0.24
C LYS B 325 27.82 30.89 -0.91
N LEU B 326 28.19 29.74 -1.46
CA LEU B 326 27.23 28.87 -2.09
C LEU B 326 26.80 27.68 -1.21
N ILE B 327 27.34 27.61 0.01
CA ILE B 327 27.05 26.51 0.92
C ILE B 327 26.22 27.04 2.09
N PRO B 328 24.99 26.53 2.27
CA PRO B 328 24.12 26.99 3.36
C PRO B 328 24.68 26.63 4.74
N LYS B 329 24.56 27.56 5.69
CA LYS B 329 24.96 27.31 7.07
C LYS B 329 23.76 27.27 8.01
N ASP B 330 22.66 27.86 7.54
CA ASP B 330 21.44 28.06 8.33
C ASP B 330 20.45 26.89 8.34
N HIS B 331 20.51 26.00 7.33
CA HIS B 331 19.59 24.86 7.33
C HIS B 331 20.16 23.46 7.05
N PRO B 332 19.45 22.43 7.54
CA PRO B 332 19.81 21.03 7.27
C PRO B 332 19.64 20.69 5.78
N PHE B 333 20.31 19.65 5.31
CA PHE B 333 20.09 19.19 3.95
C PHE B 333 18.72 18.54 3.82
N GLY B 334 18.02 18.89 2.75
CA GLY B 334 16.82 18.18 2.35
C GLY B 334 15.63 18.54 3.19
N ALA B 335 15.67 19.71 3.83
CA ALA B 335 14.56 20.22 4.61
C ALA B 335 13.57 21.01 3.76
N LYS B 336 13.99 21.34 2.55
CA LYS B 336 13.10 21.85 1.52
C LYS B 336 13.25 20.93 0.33
N ARG B 337 12.32 20.98 -0.61
CA ARG B 337 12.50 20.23 -1.84
C ARG B 337 13.75 20.75 -2.54
N VAL B 338 14.75 19.88 -2.65
CA VAL B 338 16.10 20.24 -3.10
C VAL B 338 16.14 20.53 -4.61
N PRO B 339 16.58 21.74 -4.99
CA PRO B 339 16.73 21.97 -6.43
C PRO B 339 17.82 21.03 -7.00
N MET B 340 17.53 20.38 -8.12
CA MET B 340 18.60 19.71 -8.83
C MET B 340 19.12 20.57 -9.97
N GLU B 341 20.38 20.36 -10.32
CA GLU B 341 21.08 21.28 -11.24
C GLU B 341 21.92 20.60 -12.31
N THR B 342 22.09 21.30 -13.43
CA THR B 342 22.96 20.84 -14.50
C THR B 342 24.09 21.84 -14.68
N ASN B 343 25.27 21.48 -14.19
CA ASN B 343 26.45 22.36 -14.27
C ASN B 343 26.29 23.73 -13.61
N TYR B 344 25.48 23.79 -12.56
CA TYR B 344 25.24 25.06 -11.89
C TYR B 344 26.48 25.59 -11.15
N TYR B 345 27.11 24.76 -10.31
CA TYR B 345 28.25 25.26 -9.51
C TYR B 345 29.42 25.72 -10.39
N GLU B 346 29.58 25.03 -11.50
CA GLU B 346 30.71 25.30 -12.43
C GLU B 346 30.59 26.64 -13.13
N THR B 347 29.36 27.15 -13.23
CA THR B 347 29.11 28.48 -13.77
C THR B 347 29.96 29.52 -13.05
N TYR B 348 30.14 29.37 -11.75
CA TYR B 348 30.86 30.38 -10.98
C TYR B 348 32.38 30.38 -11.21
N ASN B 349 32.89 29.35 -11.88
CA ASN B 349 34.30 29.25 -12.28
C ASN B 349 34.66 30.10 -13.50
N ARG B 350 33.64 30.49 -14.27
CA ARG B 350 33.85 31.37 -15.43
C ARG B 350 34.33 32.77 -14.99
N ASP B 351 35.19 33.42 -15.78
CA ASP B 351 35.71 34.74 -15.42
C ASP B 351 34.66 35.85 -15.48
N ASN B 352 33.60 35.63 -16.26
CA ASN B 352 32.57 36.66 -16.45
C ASN B 352 31.28 36.44 -15.61
N VAL B 353 31.40 35.58 -14.59
CA VAL B 353 30.27 35.28 -13.70
C VAL B 353 30.63 35.74 -12.27
N HIS B 354 29.75 36.55 -11.67
CA HIS B 354 30.02 37.13 -10.35
C HIS B 354 28.86 36.90 -9.41
N LEU B 355 29.14 36.35 -8.24
CA LEU B 355 28.12 36.20 -7.22
C LEU B 355 28.10 37.44 -6.37
N VAL B 356 26.91 38.02 -6.23
CA VAL B 356 26.72 39.23 -5.45
C VAL B 356 25.91 38.88 -4.21
N ASP B 357 26.51 39.03 -3.05
CA ASP B 357 25.87 38.72 -1.77
C ASP B 357 24.97 39.90 -1.38
N ILE B 358 23.65 39.72 -1.52
CA ILE B 358 22.68 40.78 -1.18
C ILE B 358 22.12 40.64 0.24
N ARG B 359 22.65 39.70 1.00
CA ARG B 359 22.42 39.71 2.42
C ARG B 359 23.36 40.78 2.95
N GLU B 360 24.63 40.64 2.58
CA GLU B 360 25.69 41.53 2.96
C GLU B 360 25.44 42.96 2.48
N ALA B 361 24.88 43.10 1.28
CA ALA B 361 24.54 44.42 0.72
C ALA B 361 23.19 44.35 -0.01
N PRO B 362 22.07 44.49 0.75
CA PRO B 362 20.73 44.38 0.17
C PRO B 362 20.52 45.31 -1.02
N ILE B 363 19.70 44.86 -1.97
CA ILE B 363 19.30 45.70 -3.09
C ILE B 363 18.53 46.92 -2.56
N GLN B 364 18.90 48.10 -3.03
CA GLN B 364 18.18 49.32 -2.67
C GLN B 364 17.08 49.62 -3.70
N GLU B 365 17.44 49.57 -4.99
CA GLU B 365 16.52 49.86 -6.07
C GLU B 365 17.03 49.37 -7.42
N VAL B 366 16.10 49.15 -8.34
CA VAL B 366 16.39 49.03 -9.76
C VAL B 366 16.30 50.46 -10.31
N THR B 367 17.19 50.78 -11.25
CA THR B 367 17.28 52.10 -11.85
C THR B 367 17.28 51.90 -13.37
N PRO B 368 17.10 53.00 -14.15
CA PRO B 368 17.15 52.86 -15.60
C PRO B 368 18.36 52.09 -16.13
N GLU B 369 19.48 52.13 -15.40
CA GLU B 369 20.75 51.55 -15.84
C GLU B 369 21.06 50.16 -15.29
N GLY B 370 20.36 49.74 -14.22
CA GLY B 370 20.63 48.45 -13.63
C GLY B 370 20.17 48.34 -12.19
N ILE B 371 21.06 47.88 -11.33
CA ILE B 371 20.71 47.59 -9.95
C ILE B 371 21.66 48.31 -8.99
N LYS B 372 21.08 48.96 -7.98
CA LYS B 372 21.86 49.58 -6.92
C LYS B 372 21.76 48.75 -5.65
N THR B 373 22.89 48.33 -5.09
CA THR B 373 22.91 47.66 -3.79
C THR B 373 23.42 48.65 -2.73
N ALA B 374 23.35 48.28 -1.47
CA ALA B 374 23.89 49.12 -0.41
C ALA B 374 25.39 49.45 -0.60
N ASP B 375 26.04 48.65 -1.44
CA ASP B 375 27.50 48.63 -1.62
C ASP B 375 28.03 49.14 -2.95
N ALA B 376 27.24 48.97 -4.01
CA ALA B 376 27.75 49.14 -5.37
C ALA B 376 26.62 49.36 -6.33
N ALA B 377 26.97 49.77 -7.55
CA ALA B 377 25.99 49.93 -8.63
C ALA B 377 26.38 49.02 -9.77
N TYR B 378 25.40 48.28 -10.29
CA TYR B 378 25.62 47.33 -11.36
C TYR B 378 24.87 47.78 -12.61
N ASP B 379 25.61 48.17 -13.66
CA ASP B 379 25.04 48.49 -14.98
C ASP B 379 24.70 47.19 -15.69
N LEU B 380 23.45 47.09 -16.17
CA LEU B 380 22.93 45.88 -16.79
C LEU B 380 22.10 46.16 -18.03
N ASP B 381 22.09 45.20 -18.94
CA ASP B 381 21.25 45.21 -20.13
C ASP B 381 19.99 44.37 -19.95
N VAL B 382 20.09 43.37 -19.06
CA VAL B 382 19.00 42.43 -18.76
C VAL B 382 18.92 42.14 -17.27
N ILE B 383 17.70 42.16 -16.73
CA ILE B 383 17.45 41.63 -15.39
C ILE B 383 16.48 40.48 -15.52
N ILE B 384 16.85 39.33 -14.98
CA ILE B 384 15.97 38.18 -14.81
C ILE B 384 15.60 38.01 -13.32
N TYR B 385 14.30 38.11 -13.04
CA TYR B 385 13.74 37.82 -11.74
C TYR B 385 13.39 36.36 -11.73
N ALA B 386 14.23 35.57 -11.08
CA ALA B 386 14.01 34.13 -10.97
C ALA B 386 13.35 33.92 -9.61
N THR B 387 12.03 34.03 -9.61
CA THR B 387 11.28 34.04 -8.36
C THR B 387 11.00 32.66 -7.81
N GLY B 388 10.79 32.61 -6.49
CA GLY B 388 10.56 31.38 -5.75
C GLY B 388 9.11 31.22 -5.36
N PHE B 389 8.88 30.57 -4.22
CA PHE B 389 7.52 30.26 -3.79
C PHE B 389 7.26 30.48 -2.27
N ASP B 390 6.23 31.26 -1.97
CA ASP B 390 5.80 31.59 -0.60
C ASP B 390 5.46 30.35 0.22
N THR B 393 1.42 31.88 1.11
CA THR B 393 0.17 32.11 0.38
C THR B 393 -0.14 30.93 -0.55
N GLY B 394 -1.42 30.65 -0.76
CA GLY B 394 -1.83 29.51 -1.58
C GLY B 394 -2.56 29.90 -2.84
N SER B 395 -2.75 28.92 -3.73
CA SER B 395 -3.43 29.15 -5.01
C SER B 395 -4.91 29.48 -4.83
N LEU B 396 -5.50 29.03 -3.72
CA LEU B 396 -6.90 29.32 -3.41
C LEU B 396 -7.14 30.75 -2.97
N ASP B 397 -6.10 31.43 -2.50
CA ASP B 397 -6.21 32.79 -1.93
C ASP B 397 -6.73 33.80 -2.95
N ARG B 398 -6.55 33.47 -4.23
CA ARG B 398 -6.96 34.31 -5.34
C ARG B 398 -8.45 34.22 -5.62
N ILE B 399 -9.12 33.23 -5.03
CA ILE B 399 -10.56 33.04 -5.17
C ILE B 399 -11.28 33.48 -3.89
N ASP B 400 -12.39 34.18 -4.07
CA ASP B 400 -13.22 34.54 -2.93
C ASP B 400 -14.17 33.36 -2.63
N ILE B 401 -13.71 32.45 -1.78
CA ILE B 401 -14.46 31.25 -1.43
C ILE B 401 -15.20 31.47 -0.12
N ARG B 402 -16.53 31.28 -0.15
CA ARG B 402 -17.41 31.51 1.01
C ARG B 402 -18.17 30.24 1.36
N GLY B 403 -18.08 29.84 2.63
CA GLY B 403 -18.76 28.63 3.10
C GLY B 403 -20.06 28.95 3.77
N LYS B 404 -20.42 28.13 4.74
CA LYS B 404 -21.66 28.32 5.48
C LYS B 404 -21.54 29.60 6.30
N ASP B 405 -22.67 30.30 6.44
CA ASP B 405 -22.72 31.58 7.15
C ASP B 405 -21.79 32.63 6.53
N ASN B 406 -21.43 32.44 5.27
CA ASN B 406 -20.64 33.40 4.50
C ASN B 406 -19.19 33.53 5.01
N VAL B 407 -18.67 32.51 5.67
CA VAL B 407 -17.32 32.57 6.20
C VAL B 407 -16.32 32.42 5.06
N ARG B 408 -15.29 33.27 5.04
CA ARG B 408 -14.24 33.15 4.03
C ARG B 408 -13.30 32.00 4.37
N LEU B 409 -12.90 31.24 3.36
CA LEU B 409 -11.89 30.21 3.56
C LEU B 409 -10.59 30.83 4.12
N ILE B 410 -10.22 32.00 3.60
CA ILE B 410 -9.06 32.75 4.11
C ILE B 410 -9.13 32.92 5.63
N ASP B 411 -10.31 33.27 6.15
CA ASP B 411 -10.53 33.40 7.59
C ASP B 411 -10.57 32.04 8.32
N ALA B 412 -11.14 31.04 7.68
CA ALA B 412 -11.23 29.71 8.28
C ALA B 412 -9.86 29.05 8.43
N TRP B 413 -8.95 29.39 7.54
CA TRP B 413 -7.61 28.84 7.54
C TRP B 413 -6.55 29.83 8.03
N ALA B 414 -6.98 30.91 8.69
CA ALA B 414 -6.09 32.00 9.11
C ALA B 414 -5.02 31.53 10.10
N GLU B 415 -5.35 30.55 10.94
CA GLU B 415 -4.39 29.97 11.85
C GLU B 415 -3.64 28.76 11.26
N GLY B 416 -3.85 28.52 9.95
CA GLY B 416 -3.27 27.40 9.25
C GLY B 416 -4.38 26.53 8.67
N PRO B 417 -4.05 25.67 7.68
CA PRO B 417 -5.08 24.79 7.12
C PRO B 417 -5.65 23.84 8.16
N SER B 418 -6.96 23.72 8.15
CA SER B 418 -7.64 22.81 9.04
C SER B 418 -8.58 22.01 8.15
N THR B 419 -8.34 20.70 8.06
CA THR B 419 -9.07 19.82 7.15
C THR B 419 -9.30 18.46 7.80
N TYR B 420 -10.11 17.65 7.13
CA TYR B 420 -10.14 16.24 7.41
C TYR B 420 -9.55 15.53 6.23
N LEU B 421 -8.51 14.74 6.47
CA LEU B 421 -7.85 13.96 5.43
C LEU B 421 -7.16 14.83 4.37
N GLY B 422 -6.98 16.11 4.68
CA GLY B 422 -6.34 17.06 3.74
C GLY B 422 -7.22 17.39 2.55
N LEU B 423 -8.50 17.03 2.64
CA LEU B 423 -9.37 17.07 1.46
C LEU B 423 -10.62 17.95 1.56
N GLN B 424 -11.21 18.02 2.75
CA GLN B 424 -12.39 18.85 2.98
C GLN B 424 -12.18 19.59 4.27
N ALA B 425 -12.75 20.77 4.34
CA ALA B 425 -12.66 21.59 5.53
C ALA B 425 -14.04 21.86 6.11
N ARG B 426 -14.16 21.80 7.42
CA ARG B 426 -15.40 22.10 8.09
C ARG B 426 -15.76 23.56 7.78
N GLY B 427 -17.04 23.81 7.50
CA GLY B 427 -17.48 25.13 7.07
C GLY B 427 -17.74 25.17 5.58
N PHE B 428 -17.21 24.18 4.85
CA PHE B 428 -17.16 24.21 3.39
C PHE B 428 -17.59 22.86 2.83
N PRO B 429 -18.91 22.57 2.91
CA PRO B 429 -19.42 21.28 2.48
C PRO B 429 -19.22 21.10 0.97
N ASN B 430 -19.08 19.84 0.55
CA ASN B 430 -18.97 19.44 -0.85
C ASN B 430 -17.78 20.02 -1.65
N PHE B 431 -16.76 20.46 -0.94
CA PHE B 431 -15.65 21.14 -1.57
C PHE B 431 -14.38 20.35 -1.28
N PHE B 432 -13.71 19.92 -2.35
CA PHE B 432 -12.51 19.11 -2.22
C PHE B 432 -11.27 19.87 -2.66
N THR B 433 -10.25 19.87 -1.82
CA THR B 433 -9.00 20.51 -2.18
C THR B 433 -7.99 19.48 -2.60
N LEU B 434 -7.80 19.31 -3.91
CA LEU B 434 -6.77 18.41 -4.40
C LEU B 434 -5.38 19.05 -4.38
N VAL B 435 -4.37 18.25 -4.04
CA VAL B 435 -2.95 18.55 -4.30
C VAL B 435 -2.48 19.94 -3.86
N GLY B 436 -2.12 20.04 -2.60
CA GLY B 436 -1.54 21.26 -2.03
C GLY B 436 -0.64 20.88 -0.87
N PRO B 437 0.14 21.83 -0.35
CA PRO B 437 1.04 21.51 0.75
C PRO B 437 0.32 20.82 1.93
N HIS B 438 -0.94 21.18 2.19
CA HIS B 438 -1.71 20.59 3.30
C HIS B 438 -2.12 19.11 3.12
N ASN B 439 -1.85 18.52 1.95
CA ASN B 439 -2.09 17.09 1.77
C ASN B 439 -0.94 16.30 1.09
N GLY B 440 0.27 16.85 1.14
CA GLY B 440 1.46 16.07 0.84
C GLY B 440 2.24 16.44 -0.40
N SER B 441 1.78 17.47 -1.13
CA SER B 441 2.43 17.83 -2.41
C SER B 441 3.92 18.23 -2.31
N THR B 442 4.32 18.84 -1.19
CA THR B 442 5.68 19.37 -1.06
C THR B 442 6.80 18.36 -1.38
N PHE B 443 6.66 17.16 -0.86
CA PHE B 443 7.70 16.16 -1.02
C PHE B 443 7.27 15.00 -1.92
N CYS B 444 6.09 15.10 -2.55
CA CYS B 444 5.57 14.07 -3.45
C CYS B 444 6.02 14.19 -4.89
N ASN B 445 6.12 13.04 -5.56
CA ASN B 445 5.98 12.95 -7.01
C ASN B 445 4.48 13.15 -7.29
N VAL B 446 4.12 14.39 -7.60
CA VAL B 446 2.72 14.80 -7.79
C VAL B 446 2.05 14.12 -9.00
N GLY B 447 2.83 13.76 -10.02
CA GLY B 447 2.27 12.94 -11.11
C GLY B 447 1.49 11.74 -10.56
N VAL B 448 2.08 11.05 -9.59
CA VAL B 448 1.45 9.90 -8.96
C VAL B 448 0.53 10.22 -7.77
N CYS B 449 1.01 10.98 -6.78
CA CYS B 449 0.22 11.28 -5.60
C CYS B 449 -1.13 11.93 -5.94
N GLY B 450 -1.09 12.86 -6.88
CA GLY B 450 -2.28 13.59 -7.32
C GLY B 450 -3.28 12.69 -8.04
N GLY B 451 -2.79 11.87 -8.97
CA GLY B 451 -3.59 10.88 -9.66
C GLY B 451 -4.34 10.02 -8.65
N LEU B 452 -3.62 9.51 -7.65
CA LEU B 452 -4.20 8.62 -6.63
C LEU B 452 -5.26 9.33 -5.78
N GLN B 453 -5.03 10.61 -5.53
CA GLN B 453 -5.93 11.41 -4.74
C GLN B 453 -7.24 11.67 -5.48
N ALA B 454 -7.11 11.92 -6.78
CA ALA B 454 -8.25 12.12 -7.67
C ALA B 454 -9.12 10.89 -7.74
N GLU B 455 -8.49 9.72 -7.81
CA GLU B 455 -9.21 8.44 -7.80
C GLU B 455 -10.03 8.25 -6.51
N TRP B 456 -9.45 8.60 -5.37
CA TRP B 456 -10.13 8.48 -4.07
C TRP B 456 -11.39 9.36 -4.04
N VAL B 457 -11.25 10.60 -4.52
CA VAL B 457 -12.34 11.58 -4.49
C VAL B 457 -13.48 11.14 -5.39
N LEU B 458 -13.13 10.63 -6.57
CA LEU B 458 -14.09 10.04 -7.51
C LEU B 458 -14.88 8.91 -6.83
N ARG B 459 -14.18 8.06 -6.09
CA ARG B 459 -14.85 6.98 -5.35
C ARG B 459 -15.82 7.53 -4.29
N MET B 460 -15.43 8.60 -3.61
CA MET B 460 -16.34 9.25 -2.67
C MET B 460 -17.55 9.88 -3.38
N ILE B 461 -17.29 10.61 -4.46
CA ILE B 461 -18.40 11.17 -5.21
C ILE B 461 -19.33 10.07 -5.76
N SER B 462 -18.77 8.98 -6.27
CA SER B 462 -19.60 7.89 -6.78
C SER B 462 -20.42 7.22 -5.68
N TYR B 463 -19.86 7.09 -4.48
CA TYR B 463 -20.58 6.53 -3.33
C TYR B 463 -21.77 7.42 -2.96
N MET B 464 -21.54 8.73 -2.92
CA MET B 464 -22.60 9.68 -2.66
C MET B 464 -23.71 9.58 -3.71
N LYS B 465 -23.35 9.59 -4.98
CA LYS B 465 -24.34 9.43 -6.05
C LYS B 465 -25.12 8.12 -5.88
N ASP B 466 -24.39 7.03 -5.67
CA ASP B 466 -25.03 5.72 -5.45
C ASP B 466 -26.06 5.69 -4.29
N ASN B 467 -25.77 6.44 -3.23
CA ASN B 467 -26.61 6.43 -2.04
C ASN B 467 -27.57 7.60 -1.96
N GLY B 468 -27.51 8.47 -2.96
CA GLY B 468 -28.38 9.64 -3.01
C GLY B 468 -28.01 10.73 -2.04
N PHE B 469 -26.79 10.70 -1.49
CA PHE B 469 -26.30 11.79 -0.63
C PHE B 469 -25.86 13.01 -1.44
N THR B 470 -26.23 14.20 -0.96
CA THR B 470 -25.95 15.46 -1.62
C THR B 470 -25.20 16.43 -0.69
N TYR B 471 -24.82 15.96 0.48
CA TYR B 471 -24.12 16.79 1.43
C TYR B 471 -22.97 16.01 2.05
N SER B 472 -21.77 16.62 2.07
CA SER B 472 -20.66 16.09 2.84
C SER B 472 -19.91 17.22 3.55
N GLU B 473 -19.55 16.97 4.82
CA GLU B 473 -18.78 17.92 5.61
C GLU B 473 -18.14 17.19 6.79
N PRO B 474 -16.86 17.47 7.07
CA PRO B 474 -16.19 16.85 8.20
C PRO B 474 -16.78 17.33 9.53
N THR B 475 -16.84 16.44 10.51
CA THR B 475 -17.26 16.87 11.84
C THR B 475 -16.12 17.62 12.49
N GLN B 476 -16.43 18.42 13.50
CA GLN B 476 -15.41 19.19 14.21
CA GLN B 476 -15.40 19.19 14.19
C GLN B 476 -14.36 18.27 14.82
N ALA B 477 -14.82 17.15 15.39
CA ALA B 477 -13.92 16.21 16.03
C ALA B 477 -12.97 15.55 15.04
N ALA B 478 -13.51 15.10 13.90
CA ALA B 478 -12.66 14.48 12.88
C ALA B 478 -11.57 15.44 12.37
N GLU B 479 -11.97 16.68 12.06
CA GLU B 479 -11.06 17.69 11.53
C GLU B 479 -9.98 18.06 12.54
N ASN B 480 -10.39 18.23 13.80
CA ASN B 480 -9.46 18.57 14.88
C ASN B 480 -8.46 17.44 15.14
N ARG B 481 -8.96 16.22 15.24
CA ARG B 481 -8.07 15.08 15.46
C ARG B 481 -7.08 14.96 14.32
N TRP B 482 -7.57 14.98 13.07
CA TRP B 482 -6.70 14.88 11.89
C TRP B 482 -5.61 15.97 11.90
N THR B 483 -6.04 17.21 12.03
CA THR B 483 -5.18 18.39 11.96
C THR B 483 -4.11 18.40 13.07
N GLU B 484 -4.48 17.91 14.24
CA GLU B 484 -3.57 17.77 15.38
C GLU B 484 -2.51 16.66 15.16
N GLU B 485 -2.94 15.51 14.63
CA GLU B 485 -2.03 14.41 14.27
C GLU B 485 -1.01 14.85 13.23
N VAL B 486 -1.49 15.55 12.19
CA VAL B 486 -0.64 16.02 11.12
C VAL B 486 0.47 16.93 11.70
N TYR B 487 0.09 17.83 12.61
CA TYR B 487 1.11 18.66 13.27
C TYR B 487 2.07 17.81 14.11
N ALA B 488 1.53 16.82 14.80
CA ALA B 488 2.34 15.92 15.64
C ALA B 488 3.46 15.20 14.89
N ASP B 489 3.12 14.52 13.79
CA ASP B 489 4.12 13.85 12.92
C ASP B 489 5.18 14.84 12.44
N PHE B 490 4.72 16.01 12.03
CA PHE B 490 5.56 17.08 11.53
C PHE B 490 6.58 17.53 12.58
N SER B 491 6.10 17.68 13.81
CA SER B 491 6.90 18.21 14.90
C SER B 491 8.06 17.29 15.29
N ARG B 492 7.93 16.01 14.98
CA ARG B 492 8.95 15.01 15.34
C ARG B 492 10.03 14.85 14.26
N THR B 493 10.11 15.81 13.34
CA THR B 493 11.13 15.82 12.30
C THR B 493 11.97 17.07 12.44
N LEU B 494 13.10 17.12 11.74
CA LEU B 494 13.91 18.33 11.64
C LEU B 494 13.20 19.52 11.00
N LEU B 495 12.21 19.22 10.16
CA LEU B 495 11.50 20.26 9.40
C LEU B 495 10.91 21.37 10.27
N ALA B 496 10.55 21.02 11.50
CA ALA B 496 9.95 21.96 12.45
C ALA B 496 10.92 23.06 12.84
N GLU B 497 12.18 22.68 13.08
CA GLU B 497 13.22 23.65 13.36
C GLU B 497 13.73 24.32 12.09
N ALA B 498 13.93 23.53 11.04
CA ALA B 498 14.50 23.99 9.77
C ALA B 498 13.63 25.01 9.00
N ASN B 499 12.32 24.80 9.02
CA ASN B 499 11.40 25.69 8.33
C ASN B 499 10.35 26.18 9.30
N ALA B 500 10.75 27.10 10.17
CA ALA B 500 9.88 27.65 11.21
C ALA B 500 8.65 28.31 10.61
N TRP B 501 8.78 28.80 9.39
CA TRP B 501 7.68 29.48 8.72
C TRP B 501 6.65 28.49 8.15
N TRP B 502 6.92 27.19 8.28
CA TRP B 502 5.97 26.12 7.94
C TRP B 502 4.98 25.80 9.06
N VAL B 503 5.16 26.47 10.19
CA VAL B 503 4.25 26.31 11.31
C VAL B 503 3.61 27.66 11.62
N LYS B 504 2.30 27.64 11.84
CA LYS B 504 1.56 28.82 12.24
C LYS B 504 1.29 28.68 13.74
N THR B 505 1.87 29.57 14.54
CA THR B 505 1.63 29.57 15.98
C THR B 505 0.74 30.76 16.35
N THR B 506 -0.51 30.49 16.67
CA THR B 506 -1.46 31.54 17.06
C THR B 506 -1.69 31.49 18.58
N THR B 507 -1.74 32.66 19.21
CA THR B 507 -2.24 32.78 20.58
C THR B 507 -3.65 33.34 20.50
N LYS B 508 -4.64 32.52 20.86
CA LYS B 508 -6.04 32.94 20.79
C LYS B 508 -6.40 33.95 21.89
N PRO B 509 -7.53 34.69 21.73
CA PRO B 509 -7.93 35.70 22.73
C PRO B 509 -8.00 35.18 24.18
N ASP B 510 -8.43 33.92 24.36
CA ASP B 510 -8.44 33.27 25.68
C ASP B 510 -7.04 32.90 26.20
N GLY B 511 -6.00 33.15 25.40
CA GLY B 511 -4.61 32.94 25.84
C GLY B 511 -4.03 31.57 25.52
N SER B 512 -4.87 30.67 25.00
CA SER B 512 -4.42 29.34 24.57
C SER B 512 -3.62 29.43 23.26
N VAL B 513 -2.68 28.50 23.09
CA VAL B 513 -1.77 28.51 21.95
C VAL B 513 -2.12 27.40 20.94
N VAL B 514 -2.29 27.79 19.68
CA VAL B 514 -2.62 26.84 18.61
C VAL B 514 -1.47 26.76 17.60
N ARG B 515 -1.02 25.54 17.32
CA ARG B 515 0.03 25.33 16.33
C ARG B 515 -0.46 24.41 15.22
N ARG B 516 -0.41 24.91 14.00
CA ARG B 516 -0.69 24.06 12.85
C ARG B 516 0.48 24.08 11.87
N THR B 517 0.73 22.94 11.22
CA THR B 517 1.70 22.88 10.13
C THR B 517 1.04 23.28 8.80
N LEU B 518 1.79 23.94 7.93
CA LEU B 518 1.32 24.25 6.58
C LEU B 518 1.56 23.07 5.65
N VAL B 519 2.40 22.14 6.11
CA VAL B 519 2.85 21.02 5.31
C VAL B 519 2.54 19.67 5.96
N HIS B 520 1.86 18.83 5.19
CA HIS B 520 1.59 17.44 5.57
C HIS B 520 2.77 16.61 5.07
N VAL B 521 3.47 15.93 5.99
CA VAL B 521 4.69 15.17 5.63
C VAL B 521 4.64 13.64 5.87
N SER B 522 3.44 13.12 6.13
CA SER B 522 3.26 11.66 6.29
C SER B 522 3.61 10.97 4.97
N GLY B 523 4.10 9.72 5.07
CA GLY B 523 4.36 8.92 3.88
C GLY B 523 3.05 8.73 3.12
N GLY B 524 3.12 8.76 1.79
CA GLY B 524 1.96 8.56 0.92
C GLY B 524 1.14 7.32 1.27
N PRO B 525 1.77 6.13 1.27
CA PRO B 525 1.05 4.87 1.53
C PRO B 525 0.28 4.87 2.85
N GLU B 526 0.92 5.33 3.92
CA GLU B 526 0.26 5.50 5.22
C GLU B 526 -0.95 6.43 5.17
N TYR B 527 -0.80 7.56 4.49
CA TYR B 527 -1.91 8.51 4.35
C TYR B 527 -3.07 7.89 3.58
N ARG B 528 -2.76 7.20 2.49
CA ARG B 528 -3.81 6.59 1.69
C ARG B 528 -4.51 5.44 2.41
N LYS B 529 -3.75 4.69 3.20
CA LYS B 529 -4.33 3.66 4.08
C LYS B 529 -5.40 4.29 5.01
N ARG B 530 -5.06 5.44 5.60
CA ARG B 530 -6.01 6.17 6.43
C ARG B 530 -7.25 6.54 5.66
N CYS B 531 -7.07 7.04 4.43
CA CYS B 531 -8.19 7.40 3.58
C CYS B 531 -9.11 6.21 3.27
N GLU B 532 -8.53 5.06 2.97
CA GLU B 532 -9.33 3.84 2.72
C GLU B 532 -10.05 3.30 3.97
N GLN B 533 -9.42 3.44 5.15
CA GLN B 533 -10.09 3.08 6.41
C GLN B 533 -11.40 3.90 6.55
N VAL B 534 -11.30 5.20 6.25
CA VAL B 534 -12.45 6.10 6.29
C VAL B 534 -13.48 5.75 5.22
N ALA B 535 -13.05 5.65 3.97
CA ALA B 535 -13.98 5.35 2.88
C ALA B 535 -14.76 4.05 3.12
N TYR B 536 -14.04 2.99 3.48
CA TYR B 536 -14.70 1.69 3.70
C TYR B 536 -15.77 1.79 4.78
N ASN B 537 -15.45 2.48 5.86
CA ASN B 537 -16.36 2.63 6.99
C ASN B 537 -17.32 3.79 6.78
N ASN B 538 -17.98 3.77 5.62
CA ASN B 538 -18.99 4.74 5.23
C ASN B 538 -18.59 6.19 5.45
N TYR B 539 -17.32 6.49 5.16
CA TYR B 539 -16.77 7.84 5.22
C TYR B 539 -16.92 8.43 6.61
N ASN B 540 -16.70 7.60 7.63
CA ASN B 540 -16.71 8.00 9.05
C ASN B 540 -15.89 9.26 9.32
N GLY B 541 -16.53 10.27 9.90
CA GLY B 541 -15.88 11.56 10.15
C GLY B 541 -16.41 12.62 9.22
N PHE B 542 -17.02 12.19 8.12
CA PHE B 542 -17.85 13.07 7.29
C PHE B 542 -19.31 12.85 7.72
N GLU B 543 -20.05 13.93 7.97
CA GLU B 543 -21.51 13.81 8.05
C GLU B 543 -22.00 13.74 6.61
N LEU B 544 -22.79 12.72 6.28
CA LEU B 544 -23.29 12.58 4.92
C LEU B 544 -24.80 12.64 4.99
N ALA B 545 -25.41 13.30 4.01
CA ALA B 545 -26.85 13.49 4.02
C ALA B 545 -27.35 13.59 2.61
PA FAD C . -5.91 -25.32 -1.66
O1A FAD C . -5.52 -26.18 -0.50
O2A FAD C . -7.32 -24.82 -1.63
O5B FAD C . -5.67 -26.14 -3.02
C5B FAD C . -4.48 -26.90 -3.18
C4B FAD C . -4.71 -27.97 -4.24
O4B FAD C . -3.50 -28.61 -4.52
C3B FAD C . -5.68 -29.06 -3.79
O3B FAD C . -6.75 -29.11 -4.72
C2B FAD C . -4.88 -30.34 -3.86
O2B FAD C . -5.64 -31.43 -4.38
C1B FAD C . -3.75 -29.97 -4.82
N9A FAD C . -2.49 -30.71 -4.66
C8A FAD C . -1.72 -30.72 -3.54
N7A FAD C . -0.64 -31.49 -3.78
C5A FAD C . -0.71 -31.99 -5.04
C6A FAD C . 0.11 -32.80 -5.79
N6A FAD C . 1.23 -33.34 -5.25
N1A FAD C . -0.23 -33.12 -7.08
C2A FAD C . -1.39 -32.63 -7.64
N3A FAD C . -2.21 -31.82 -6.89
C4A FAD C . -1.88 -31.49 -5.61
N1 FAD C . -8.86 -18.86 4.28
C2 FAD C . -9.35 -17.57 4.33
O2 FAD C . -8.65 -16.66 3.94
N3 FAD C . -10.61 -17.33 4.84
C4 FAD C . -11.38 -18.38 5.29
O4 FAD C . -12.49 -18.15 5.74
C4X FAD C . -10.90 -19.69 5.24
N5 FAD C . -11.67 -20.76 5.69
C5X FAD C . -11.17 -22.06 5.62
C6 FAD C . -11.94 -23.14 6.07
C7 FAD C . -11.44 -24.45 6.00
C7M FAD C . -12.29 -25.61 6.41
C8 FAD C . -10.16 -24.68 5.50
C8M FAD C . -9.58 -26.08 5.45
C9 FAD C . -9.40 -23.61 5.06
C9A FAD C . -9.89 -22.29 5.11
N10 FAD C . -9.13 -21.23 4.63
C10 FAD C . -9.63 -19.93 4.72
C1' FAD C . -7.70 -21.44 4.20
C2' FAD C . -7.60 -21.95 2.75
O2' FAD C . -6.41 -22.72 2.70
C3' FAD C . -7.51 -20.82 1.73
O3' FAD C . -8.59 -19.92 1.85
C4' FAD C . -7.55 -21.27 0.27
O4' FAD C . -8.66 -22.09 0.03
C5' FAD C . -6.29 -22.01 -0.13
O5' FAD C . -6.30 -22.02 -1.55
P FAD C . -5.02 -22.64 -2.28
O1P FAD C . -5.35 -22.66 -3.76
O2P FAD C . -3.74 -21.94 -1.95
O3P FAD C . -4.80 -24.14 -1.72
PA FAD D . -0.91 23.11 -11.69
O1A FAD D . -0.23 24.24 -10.95
O2A FAD D . -0.06 22.39 -12.67
O5B FAD D . -2.18 23.76 -12.42
C5B FAD D . -3.16 24.45 -11.69
C4B FAD D . -4.05 25.08 -12.75
O4B FAD D . -5.12 25.74 -12.11
C3B FAD D . -3.29 26.13 -13.56
O3B FAD D . -3.38 25.89 -14.94
C2B FAD D . -4.00 27.43 -13.22
O2B FAD D . -4.01 28.37 -14.27
C1B FAD D . -5.38 26.94 -12.81
N9A FAD D . -6.01 27.89 -11.91
C8A FAD D . -5.53 28.32 -10.70
N7A FAD D . -6.42 29.19 -10.16
C5A FAD D . -7.45 29.30 -11.05
C6A FAD D . -8.62 30.06 -11.01
N6A FAD D . -8.94 30.75 -9.93
N1A FAD D . -9.50 29.96 -12.07
C2A FAD D . -9.23 29.15 -13.17
N3A FAD D . -8.07 28.39 -13.18
C4A FAD D . -7.20 28.49 -12.14
N1 FAD D . 6.41 17.95 -9.17
C2 FAD D . 6.86 16.66 -9.19
O2 FAD D . 6.20 15.83 -8.59
N3 FAD D . 8.02 16.34 -9.90
C4 FAD D . 8.70 17.36 -10.58
O4 FAD D . 9.72 17.11 -11.22
C4X FAD D . 8.22 18.67 -10.53
N5 FAD D . 8.89 19.72 -11.17
C5X FAD D . 8.38 21.02 -11.09
C6 FAD D . 9.04 22.07 -11.73
C7 FAD D . 8.52 23.37 -11.65
C7M FAD D . 9.20 24.51 -12.32
C8 FAD D . 7.36 23.63 -10.94
C8M FAD D . 6.92 25.06 -10.81
C9 FAD D . 6.69 22.58 -10.29
C9A FAD D . 7.20 21.27 -10.38
N10 FAD D . 6.55 20.23 -9.75
C10 FAD D . 7.07 18.95 -9.82
C1' FAD D . 5.28 20.47 -8.97
C2' FAD D . 4.06 20.73 -9.86
O2' FAD D . 3.26 21.71 -9.21
C3' FAD D . 3.27 19.45 -10.03
O3' FAD D . 4.14 18.47 -10.56
C4' FAD D . 2.04 19.54 -10.94
O4' FAD D . 2.32 20.10 -12.21
C5' FAD D . 0.88 20.28 -10.30
O5' FAD D . -0.26 19.99 -11.08
P FAD D . -1.67 20.56 -10.63
O1P FAD D . -2.64 20.11 -11.69
O2P FAD D . -2.02 20.08 -9.24
O3P FAD D . -1.52 22.15 -10.56
#